data_3UQC
#
_entry.id   3UQC
#
_cell.length_a   57.974
_cell.length_b   59.382
_cell.length_c   144.031
_cell.angle_alpha   90.00
_cell.angle_beta   97.34
_cell.angle_gamma   90.00
#
_symmetry.space_group_name_H-M   'P 1 21 1'
#
loop_
_entity.id
_entity.type
_entity.pdbx_description
1 polymer 'PROBABLE CONSERVED TRANSMEMBRANE PROTEIN'
2 non-polymer 'SUCCINIC ACID'
3 water water
#
_entity_poly.entity_id   1
_entity_poly.type   'polypeptide(L)'
_entity_poly.pdbx_seq_one_letter_code
;IAFDALREPDRESSAPPDDVQLVPGARIANGRYRLLIFHGGVPPLQFWQALDTALDRQVALTFVDPQGVLPDDVLQETLS
RTLRLSRIDKPGVARVLDVVHTRAGGLVVAEWIRGGSLQEVADTSPSPVGAIRAMQSLAAAADAAHRAGVALSIDHPSRV
RVSIDGDVVLAYPATMPDANPQDDIRGIGASLYALLVNRWPLPEAGVRSGLAPAERDTAGQPIEPADIDRDIPFQISAVA
ARSVQGDGGIRSASTLLNLMQQATAVADRTEVLGPIDEAPVSAAPR
;
_entity_poly.pdbx_strand_id   A,B,C,D
#
loop_
_chem_comp.id
_chem_comp.type
_chem_comp.name
_chem_comp.formula
SIN non-polymer 'SUCCINIC ACID' 'C4 H6 O4'
#
# COMPACT_ATOMS: atom_id res chain seq x y z
N VAL A 20 -21.96 -47.34 1.42
CA VAL A 20 -22.07 -46.01 0.86
C VAL A 20 -21.27 -45.89 -0.43
N GLN A 21 -21.87 -45.28 -1.43
CA GLN A 21 -21.17 -44.96 -2.66
C GLN A 21 -21.10 -43.45 -2.81
N LEU A 22 -19.93 -42.94 -3.13
CA LEU A 22 -19.80 -41.50 -3.31
C LEU A 22 -19.84 -41.23 -4.81
N VAL A 23 -20.99 -40.73 -5.25
CA VAL A 23 -21.25 -40.43 -6.64
C VAL A 23 -22.14 -39.19 -6.67
N PRO A 24 -22.19 -38.50 -7.81
CA PRO A 24 -23.09 -37.34 -7.89
C PRO A 24 -24.50 -37.72 -7.45
N GLY A 25 -25.13 -36.88 -6.65
CA GLY A 25 -26.49 -37.13 -6.20
C GLY A 25 -26.61 -37.76 -4.83
N ALA A 26 -25.53 -38.37 -4.36
CA ALA A 26 -25.54 -39.02 -3.04
C ALA A 26 -25.88 -38.00 -1.97
N ARG A 27 -26.67 -38.41 -0.99
CA ARG A 27 -27.00 -37.57 0.15
C ARG A 27 -26.16 -37.94 1.38
N ILE A 28 -25.45 -36.96 1.92
CA ILE A 28 -24.49 -37.19 2.99
C ILE A 28 -24.88 -36.47 4.28
N ALA A 29 -24.49 -37.05 5.42
CA ALA A 29 -24.68 -36.43 6.73
C ALA A 29 -26.14 -36.13 7.06
N ASN A 30 -26.92 -37.18 7.31
CA ASN A 30 -28.34 -37.03 7.60
C ASN A 30 -29.07 -36.33 6.46
N GLY A 31 -28.56 -36.51 5.24
CA GLY A 31 -29.19 -35.97 4.06
C GLY A 31 -28.96 -34.50 3.84
N ARG A 32 -28.09 -33.89 4.65
CA ARG A 32 -27.87 -32.45 4.55
C ARG A 32 -27.13 -32.04 3.28
N TYR A 33 -26.16 -32.85 2.86
CA TYR A 33 -25.35 -32.50 1.70
C TYR A 33 -25.65 -33.36 0.49
N ARG A 34 -25.76 -32.73 -0.68
CA ARG A 34 -26.00 -33.44 -1.92
C ARG A 34 -24.78 -33.28 -2.81
N LEU A 35 -24.10 -34.39 -3.09
CA LEU A 35 -22.90 -34.34 -3.92
C LEU A 35 -23.25 -33.91 -5.35
N LEU A 36 -22.42 -33.04 -5.90
CA LEU A 36 -22.62 -32.57 -7.27
C LEU A 36 -21.52 -33.06 -8.18
N ILE A 37 -20.30 -32.61 -7.91
CA ILE A 37 -19.17 -32.85 -8.81
C ILE A 37 -17.92 -33.31 -8.06
N PHE A 38 -17.35 -34.42 -8.51
CA PHE A 38 -16.11 -34.94 -7.92
C PHE A 38 -14.89 -34.21 -8.50
N HIS A 39 -14.12 -33.59 -7.63
CA HIS A 39 -12.93 -32.85 -8.04
C HIS A 39 -11.60 -33.59 -7.85
N GLY A 40 -11.67 -34.87 -7.50
CA GLY A 40 -10.48 -35.68 -7.35
C GLY A 40 -9.98 -35.77 -5.91
N GLY A 41 -8.68 -36.01 -5.76
CA GLY A 41 -8.07 -36.06 -4.45
C GLY A 41 -6.85 -36.94 -4.38
N VAL A 42 -6.22 -36.97 -3.20
CA VAL A 42 -5.08 -37.85 -2.94
C VAL A 42 -5.51 -38.89 -1.93
N PRO A 43 -5.73 -40.13 -2.38
CA PRO A 43 -6.29 -41.18 -1.53
C PRO A 43 -5.59 -41.27 -0.18
N PRO A 44 -6.34 -41.48 0.90
CA PRO A 44 -7.80 -41.70 0.97
C PRO A 44 -8.66 -40.47 0.67
N LEU A 45 -8.08 -39.28 0.67
CA LEU A 45 -8.85 -38.03 0.53
C LEU A 45 -9.64 -37.89 -0.77
N GLN A 46 -10.89 -37.44 -0.65
CA GLN A 46 -11.70 -37.11 -1.83
C GLN A 46 -12.27 -35.69 -1.73
N PHE A 47 -12.07 -34.92 -2.79
CA PHE A 47 -12.57 -33.55 -2.87
C PHE A 47 -13.88 -33.51 -3.66
N TRP A 48 -14.94 -33.01 -3.03
CA TRP A 48 -16.24 -32.92 -3.70
C TRP A 48 -16.85 -31.52 -3.66
N GLN A 49 -17.57 -31.19 -4.73
CA GLN A 49 -18.40 -29.99 -4.76
C GLN A 49 -19.83 -30.42 -4.42
N ALA A 50 -20.41 -29.83 -3.38
CA ALA A 50 -21.73 -30.24 -2.94
C ALA A 50 -22.67 -29.08 -2.65
N LEU A 51 -23.94 -29.40 -2.50
CA LEU A 51 -24.95 -28.41 -2.17
C LEU A 51 -25.47 -28.68 -0.76
N ASP A 52 -25.45 -27.66 0.08
CA ASP A 52 -25.99 -27.80 1.42
C ASP A 52 -27.49 -27.56 1.28
N THR A 53 -28.28 -28.59 1.55
CA THR A 53 -29.70 -28.54 1.28
C THR A 53 -30.50 -27.83 2.38
N ALA A 54 -29.89 -27.66 3.54
CA ALA A 54 -30.53 -26.88 4.61
C ALA A 54 -30.37 -25.37 4.36
N LEU A 55 -29.16 -24.96 3.98
CA LEU A 55 -28.87 -23.54 3.78
C LEU A 55 -28.94 -23.12 2.31
N ASP A 56 -29.21 -24.08 1.44
CA ASP A 56 -29.26 -23.84 0.00
C ASP A 56 -28.09 -23.00 -0.49
N ARG A 57 -26.89 -23.53 -0.34
CA ARG A 57 -25.69 -22.92 -0.92
C ARG A 57 -24.67 -24.04 -1.13
N GLN A 58 -23.67 -23.76 -1.96
CA GLN A 58 -22.65 -24.75 -2.24
C GLN A 58 -21.64 -24.85 -1.11
N VAL A 59 -21.03 -26.02 -0.99
CA VAL A 59 -19.95 -26.25 -0.04
C VAL A 59 -18.87 -27.11 -0.69
N ALA A 60 -17.63 -26.96 -0.21
CA ALA A 60 -16.55 -27.85 -0.60
C ALA A 60 -16.44 -28.93 0.46
N LEU A 61 -16.49 -30.20 0.02
CA LEU A 61 -16.41 -31.32 0.95
C LEU A 61 -15.12 -32.09 0.77
N THR A 62 -14.42 -32.33 1.88
CA THR A 62 -13.30 -33.26 1.85
C THR A 62 -13.59 -34.47 2.71
N PHE A 63 -13.82 -35.61 2.05
CA PHE A 63 -14.00 -36.86 2.75
C PHE A 63 -12.61 -37.39 3.10
N VAL A 64 -12.36 -37.58 4.38
CA VAL A 64 -11.03 -37.97 4.84
C VAL A 64 -10.71 -39.44 4.55
N ASP A 65 -11.65 -40.33 4.84
CA ASP A 65 -11.41 -41.77 4.71
C ASP A 65 -12.64 -42.57 4.30
N PRO A 66 -13.12 -42.37 3.05
CA PRO A 66 -14.37 -43.01 2.61
C PRO A 66 -14.40 -44.54 2.78
N GLN A 67 -13.27 -45.21 2.52
CA GLN A 67 -13.23 -46.68 2.62
C GLN A 67 -12.78 -47.18 4.00
N GLY A 68 -12.41 -46.26 4.88
CA GLY A 68 -12.04 -46.60 6.25
C GLY A 68 -10.71 -47.31 6.38
N VAL A 69 -9.77 -46.98 5.50
CA VAL A 69 -8.46 -47.64 5.48
C VAL A 69 -7.46 -47.05 6.47
N LEU A 70 -7.77 -45.88 7.03
CA LEU A 70 -6.85 -45.23 7.95
C LEU A 70 -6.88 -45.87 9.33
N PRO A 71 -5.71 -45.94 9.99
CA PRO A 71 -5.70 -46.29 11.41
C PRO A 71 -6.39 -45.14 12.14
N ASP A 72 -7.19 -45.43 13.16
CA ASP A 72 -7.91 -44.37 13.86
C ASP A 72 -6.95 -43.28 14.34
N ASP A 73 -5.77 -43.69 14.77
CA ASP A 73 -4.72 -42.75 15.18
C ASP A 73 -4.40 -41.73 14.09
N VAL A 74 -4.26 -42.20 12.85
CA VAL A 74 -3.96 -41.31 11.73
C VAL A 74 -5.15 -40.40 11.41
N LEU A 75 -6.36 -40.96 11.47
CA LEU A 75 -7.57 -40.15 11.31
C LEU A 75 -7.61 -39.01 12.32
N GLN A 76 -7.43 -39.36 13.59
CA GLN A 76 -7.54 -38.37 14.68
C GLN A 76 -6.55 -37.22 14.52
N GLU A 77 -5.31 -37.54 14.19
CA GLU A 77 -4.29 -36.51 14.01
C GLU A 77 -4.62 -35.63 12.80
N THR A 78 -5.27 -36.21 11.80
CA THR A 78 -5.71 -35.45 10.64
C THR A 78 -6.77 -34.43 11.02
N LEU A 79 -7.81 -34.89 11.73
CA LEU A 79 -8.87 -34.00 12.19
C LEU A 79 -8.31 -32.91 13.11
N SER A 80 -7.39 -33.29 13.99
CA SER A 80 -6.78 -32.33 14.91
C SER A 80 -6.02 -31.25 14.16
N ARG A 81 -5.15 -31.68 13.24
CA ARG A 81 -4.36 -30.74 12.48
C ARG A 81 -5.24 -29.83 11.62
N THR A 82 -6.30 -30.41 11.07
CA THR A 82 -7.23 -29.66 10.24
C THR A 82 -7.98 -28.62 11.07
N LEU A 83 -8.33 -28.99 12.30
CA LEU A 83 -8.97 -28.06 13.22
C LEU A 83 -8.04 -26.91 13.56
N ARG A 84 -6.77 -27.23 13.81
CA ARG A 84 -5.79 -26.19 14.09
C ARG A 84 -5.68 -25.23 12.91
N LEU A 85 -5.70 -25.80 11.71
CA LEU A 85 -5.66 -25.00 10.48
C LEU A 85 -6.91 -24.15 10.32
N SER A 86 -8.05 -24.67 10.76
CA SER A 86 -9.33 -23.98 10.59
C SER A 86 -9.38 -22.67 11.35
N ARG A 87 -8.73 -22.64 12.51
CA ARG A 87 -8.74 -21.45 13.36
C ARG A 87 -8.00 -20.27 12.73
N ILE A 88 -7.19 -20.55 11.72
CA ILE A 88 -6.52 -19.50 10.97
C ILE A 88 -7.49 -18.86 9.99
N ASP A 89 -7.67 -17.56 10.11
CA ASP A 89 -8.58 -16.84 9.24
C ASP A 89 -7.80 -15.97 8.27
N LYS A 90 -7.73 -16.42 7.02
CA LYS A 90 -7.03 -15.71 5.97
C LYS A 90 -7.74 -15.99 4.65
N PRO A 91 -7.68 -15.03 3.72
CA PRO A 91 -8.28 -15.25 2.40
C PRO A 91 -7.66 -16.43 1.66
N GLY A 92 -6.48 -16.86 2.10
CA GLY A 92 -5.74 -17.93 1.43
C GLY A 92 -6.31 -19.31 1.70
N VAL A 93 -7.12 -19.43 2.75
CA VAL A 93 -7.73 -20.70 3.09
C VAL A 93 -9.24 -20.56 3.20
N ALA A 94 -9.96 -21.46 2.55
CA ALA A 94 -11.41 -21.47 2.66
C ALA A 94 -11.75 -21.76 4.09
N ARG A 95 -12.81 -21.15 4.58
CA ARG A 95 -13.18 -21.33 5.96
C ARG A 95 -13.86 -22.67 6.21
N VAL A 96 -13.56 -23.27 7.35
CA VAL A 96 -14.12 -24.56 7.69
C VAL A 96 -15.43 -24.42 8.47
N LEU A 97 -16.51 -24.88 7.85
CA LEU A 97 -17.85 -24.75 8.42
C LEU A 97 -18.16 -25.81 9.46
N ASP A 98 -17.76 -27.05 9.17
CA ASP A 98 -18.03 -28.14 10.09
C ASP A 98 -17.06 -29.28 9.89
N VAL A 99 -16.85 -30.07 10.93
CA VAL A 99 -16.11 -31.31 10.83
C VAL A 99 -16.97 -32.39 11.46
N VAL A 100 -17.43 -33.33 10.64
CA VAL A 100 -18.40 -34.30 11.12
C VAL A 100 -18.02 -35.73 10.80
N HIS A 101 -18.55 -36.65 11.59
CA HIS A 101 -18.42 -38.06 11.32
C HIS A 101 -19.70 -38.53 10.66
N THR A 102 -19.57 -39.07 9.45
CA THR A 102 -20.72 -39.48 8.67
C THR A 102 -20.61 -40.95 8.28
N ARG A 103 -21.62 -41.43 7.54
CA ARG A 103 -21.67 -42.81 7.09
C ARG A 103 -20.50 -43.12 6.15
N ALA A 104 -19.96 -42.08 5.52
CA ALA A 104 -18.80 -42.20 4.65
C ALA A 104 -17.50 -41.90 5.39
N GLY A 105 -17.57 -41.72 6.71
CA GLY A 105 -16.41 -41.44 7.51
C GLY A 105 -16.26 -39.96 7.82
N GLY A 106 -15.07 -39.56 8.29
CA GLY A 106 -14.79 -38.17 8.59
C GLY A 106 -15.02 -37.25 7.41
N LEU A 107 -15.59 -36.08 7.67
CA LEU A 107 -15.92 -35.13 6.62
C LEU A 107 -15.57 -33.70 7.02
N VAL A 108 -14.78 -33.04 6.18
CA VAL A 108 -14.46 -31.63 6.38
C VAL A 108 -15.29 -30.78 5.44
N VAL A 109 -16.18 -29.99 6.00
CA VAL A 109 -17.04 -29.11 5.22
C VAL A 109 -16.47 -27.71 5.23
N ALA A 110 -16.12 -27.19 4.05
CA ALA A 110 -15.67 -25.81 3.97
C ALA A 110 -16.65 -24.97 3.18
N GLU A 111 -16.40 -23.66 3.13
CA GLU A 111 -17.23 -22.76 2.35
C GLU A 111 -16.87 -22.95 0.90
N TRP A 112 -17.83 -22.75 0.01
CA TRP A 112 -17.53 -22.86 -1.42
C TRP A 112 -16.92 -21.56 -1.93
N ILE A 113 -15.85 -21.68 -2.70
CA ILE A 113 -15.16 -20.52 -3.26
C ILE A 113 -15.54 -20.34 -4.72
N ARG A 114 -16.30 -19.28 -5.01
CA ARG A 114 -16.73 -18.99 -6.37
C ARG A 114 -15.54 -18.55 -7.21
N GLY A 115 -15.46 -19.06 -8.43
CA GLY A 115 -14.22 -18.99 -9.18
C GLY A 115 -14.15 -20.16 -10.14
N GLY A 116 -12.93 -20.61 -10.38
CA GLY A 116 -12.72 -21.84 -11.12
C GLY A 116 -11.54 -22.59 -10.53
N SER A 117 -11.39 -23.85 -10.91
CA SER A 117 -10.31 -24.67 -10.40
C SER A 117 -8.98 -24.17 -10.91
N LEU A 118 -7.90 -24.54 -10.23
CA LEU A 118 -6.56 -24.19 -10.67
C LEU A 118 -6.36 -24.60 -12.12
N GLN A 119 -6.82 -25.80 -12.48
CA GLN A 119 -6.64 -26.33 -13.82
C GLN A 119 -7.44 -25.57 -14.88
N GLU A 120 -8.64 -25.14 -14.52
CA GLU A 120 -9.47 -24.35 -15.44
C GLU A 120 -8.80 -23.02 -15.78
N VAL A 121 -8.39 -22.29 -14.75
CA VAL A 121 -7.71 -21.01 -14.96
C VAL A 121 -6.40 -21.19 -15.73
N ALA A 122 -5.60 -22.17 -15.32
CA ALA A 122 -4.31 -22.42 -15.96
C ALA A 122 -4.47 -22.66 -17.46
N ASP A 123 -5.61 -23.18 -17.86
CA ASP A 123 -5.87 -23.51 -19.26
C ASP A 123 -6.16 -22.26 -20.09
N THR A 124 -6.33 -21.13 -19.42
CA THR A 124 -6.60 -19.87 -20.11
C THR A 124 -5.33 -19.04 -20.34
N SER A 125 -4.18 -19.62 -20.00
CA SER A 125 -2.89 -18.94 -20.17
C SER A 125 -2.95 -17.52 -19.61
N PRO A 126 -3.30 -17.39 -18.33
CA PRO A 126 -3.49 -16.08 -17.69
C PRO A 126 -2.22 -15.23 -17.67
N SER A 127 -2.40 -13.93 -17.56
CA SER A 127 -1.28 -13.01 -17.38
C SER A 127 -0.40 -13.52 -16.26
N PRO A 128 0.92 -13.57 -16.50
CA PRO A 128 1.88 -14.01 -15.47
C PRO A 128 1.80 -13.13 -14.21
N VAL A 129 1.80 -11.82 -14.39
CA VAL A 129 1.76 -10.90 -13.24
C VAL A 129 0.49 -11.12 -12.44
N GLY A 130 -0.62 -11.33 -13.15
CA GLY A 130 -1.89 -11.62 -12.49
C GLY A 130 -1.82 -12.92 -11.72
N ALA A 131 -1.08 -13.88 -12.27
CA ALA A 131 -0.94 -15.20 -11.64
C ALA A 131 -0.15 -15.13 -10.34
N ILE A 132 1.03 -14.53 -10.40
CA ILE A 132 1.87 -14.40 -9.20
C ILE A 132 1.20 -13.53 -8.15
N ARG A 133 0.51 -12.49 -8.61
CA ARG A 133 -0.22 -11.59 -7.73
C ARG A 133 -1.29 -12.36 -6.96
N ALA A 134 -2.02 -13.22 -7.66
CA ALA A 134 -3.10 -13.98 -7.07
C ALA A 134 -2.60 -15.03 -6.09
N MET A 135 -1.36 -15.45 -6.25
CA MET A 135 -0.79 -16.52 -5.43
C MET A 135 -0.35 -16.02 -4.06
N GLN A 136 -0.28 -14.70 -3.90
CA GLN A 136 0.20 -14.12 -2.66
C GLN A 136 -0.68 -14.49 -1.47
N SER A 137 -1.98 -14.62 -1.71
CA SER A 137 -2.92 -15.01 -0.67
C SER A 137 -2.59 -16.40 -0.11
N LEU A 138 -2.20 -17.30 -0.99
CA LEU A 138 -1.87 -18.66 -0.58
C LEU A 138 -0.56 -18.67 0.20
N ALA A 139 0.44 -17.93 -0.28
CA ALA A 139 1.72 -17.84 0.39
C ALA A 139 1.56 -17.23 1.79
N ALA A 140 0.66 -16.27 1.91
CA ALA A 140 0.42 -15.62 3.19
C ALA A 140 -0.29 -16.56 4.16
N ALA A 141 -1.34 -17.22 3.68
CA ALA A 141 -2.07 -18.18 4.49
C ALA A 141 -1.10 -19.25 5.00
N ALA A 142 -0.24 -19.71 4.10
CA ALA A 142 0.76 -20.73 4.44
C ALA A 142 1.68 -20.24 5.55
N ASP A 143 2.04 -18.97 5.52
CA ASP A 143 2.88 -18.39 6.56
C ASP A 143 2.18 -18.44 7.92
N ALA A 144 0.96 -17.92 7.96
CA ALA A 144 0.16 -17.95 9.17
C ALA A 144 0.05 -19.37 9.70
N ALA A 145 -0.19 -20.31 8.79
CA ALA A 145 -0.31 -21.72 9.15
C ALA A 145 0.96 -22.25 9.79
N HIS A 146 2.09 -22.00 9.15
CA HIS A 146 3.38 -22.53 9.61
C HIS A 146 3.78 -21.95 10.97
N ARG A 147 3.48 -20.68 11.19
CA ARG A 147 3.76 -20.05 12.48
C ARG A 147 2.89 -20.65 13.57
N ALA A 148 1.71 -21.13 13.18
CA ALA A 148 0.77 -21.74 14.12
C ALA A 148 1.00 -23.24 14.25
N GLY A 149 2.03 -23.74 13.57
CA GLY A 149 2.40 -25.14 13.67
C GLY A 149 1.50 -26.10 12.92
N VAL A 150 0.98 -25.64 11.78
CA VAL A 150 0.11 -26.47 10.95
C VAL A 150 0.43 -26.26 9.46
N ALA A 151 0.26 -27.31 8.67
CA ALA A 151 0.56 -27.25 7.24
C ALA A 151 -0.72 -27.20 6.40
N LEU A 152 -0.65 -26.53 5.25
CA LEU A 152 -1.78 -26.43 4.34
C LEU A 152 -1.97 -27.72 3.54
N SER A 153 -0.88 -28.45 3.36
CA SER A 153 -0.88 -29.65 2.55
C SER A 153 -1.28 -29.38 1.10
N ILE A 154 -0.57 -28.50 0.39
CA ILE A 154 -0.90 -28.33 -1.00
C ILE A 154 -0.11 -29.41 -1.69
N ASP A 155 -0.78 -30.55 -1.87
CA ASP A 155 -0.19 -31.76 -2.41
C ASP A 155 -0.65 -32.11 -3.82
N HIS A 156 -1.49 -31.27 -4.39
CA HIS A 156 -2.30 -31.69 -5.54
C HIS A 156 -3.09 -30.50 -6.05
N PRO A 157 -3.19 -30.37 -7.38
CA PRO A 157 -3.80 -29.24 -8.08
C PRO A 157 -5.25 -28.98 -7.66
N SER A 158 -5.98 -30.03 -7.28
CA SER A 158 -7.39 -29.87 -6.93
C SER A 158 -7.59 -29.26 -5.56
N ARG A 159 -6.54 -29.23 -4.75
CA ARG A 159 -6.59 -28.60 -3.44
C ARG A 159 -7.02 -27.15 -3.52
N VAL A 160 -6.58 -26.46 -4.58
CA VAL A 160 -6.71 -25.01 -4.62
C VAL A 160 -7.56 -24.48 -5.77
N ARG A 161 -8.23 -23.37 -5.52
CA ARG A 161 -9.08 -22.73 -6.52
C ARG A 161 -8.69 -21.27 -6.71
N VAL A 162 -9.13 -20.69 -7.82
CA VAL A 162 -8.92 -19.28 -8.08
C VAL A 162 -10.27 -18.57 -8.03
N SER A 163 -10.46 -17.77 -6.98
CA SER A 163 -11.73 -17.08 -6.75
C SER A 163 -11.92 -15.92 -7.71
N ILE A 164 -13.17 -15.50 -7.88
CA ILE A 164 -13.50 -14.37 -8.75
C ILE A 164 -12.75 -13.10 -8.36
N ASP A 165 -12.42 -12.98 -7.07
CA ASP A 165 -11.74 -11.78 -6.57
C ASP A 165 -10.23 -11.83 -6.80
N GLY A 166 -9.77 -12.89 -7.47
CA GLY A 166 -8.38 -13.00 -7.87
C GLY A 166 -7.47 -13.61 -6.81
N ASP A 167 -8.03 -14.42 -5.93
CA ASP A 167 -7.24 -15.09 -4.90
C ASP A 167 -7.13 -16.59 -5.12
N VAL A 168 -5.91 -17.11 -4.98
CA VAL A 168 -5.69 -18.55 -4.96
C VAL A 168 -5.90 -19.03 -3.53
N VAL A 169 -6.85 -19.93 -3.34
CA VAL A 169 -7.28 -20.34 -2.01
C VAL A 169 -7.25 -21.86 -1.88
N LEU A 170 -6.91 -22.37 -0.70
CA LEU A 170 -6.98 -23.81 -0.49
C LEU A 170 -8.45 -24.11 -0.27
N ALA A 171 -9.03 -24.84 -1.22
CA ALA A 171 -10.48 -25.07 -1.22
C ALA A 171 -10.92 -26.27 -0.40
N TYR A 172 -10.01 -27.20 -0.19
CA TYR A 172 -10.35 -28.48 0.45
C TYR A 172 -9.39 -28.76 1.58
N PRO A 173 -9.56 -28.05 2.71
CA PRO A 173 -8.64 -28.31 3.81
C PRO A 173 -8.81 -29.73 4.34
N ALA A 174 -7.74 -30.52 4.32
CA ALA A 174 -7.56 -31.63 5.26
C ALA A 174 -6.07 -31.80 5.42
N THR A 175 -5.56 -31.72 6.65
CA THR A 175 -4.12 -31.83 6.82
C THR A 175 -3.75 -33.16 7.48
N MET A 176 -3.19 -34.05 6.67
CA MET A 176 -2.78 -35.36 7.16
C MET A 176 -1.37 -35.27 7.74
N PRO A 177 -0.99 -36.27 8.54
CA PRO A 177 0.31 -36.31 9.22
C PRO A 177 1.49 -35.99 8.30
N ASP A 178 1.43 -36.42 7.05
CA ASP A 178 2.52 -36.24 6.10
C ASP A 178 2.87 -34.77 5.83
N ALA A 179 1.84 -33.91 5.75
CA ALA A 179 2.04 -32.53 5.35
C ALA A 179 3.06 -31.79 6.20
N ASN A 180 3.89 -30.97 5.55
CA ASN A 180 4.90 -30.19 6.23
C ASN A 180 5.10 -28.83 5.54
N PRO A 181 5.60 -27.83 6.29
CA PRO A 181 5.76 -26.48 5.75
C PRO A 181 6.61 -26.41 4.48
N GLN A 182 7.68 -27.20 4.41
CA GLN A 182 8.53 -27.18 3.22
C GLN A 182 7.78 -27.70 1.99
N ASP A 183 6.96 -28.73 2.18
CA ASP A 183 6.17 -29.27 1.08
C ASP A 183 5.03 -28.34 0.70
N ASP A 184 4.64 -27.45 1.62
CA ASP A 184 3.68 -26.40 1.30
C ASP A 184 4.30 -25.45 0.29
N ILE A 185 5.53 -25.03 0.57
CA ILE A 185 6.29 -24.16 -0.32
C ILE A 185 6.38 -24.74 -1.72
N ARG A 186 6.70 -26.03 -1.78
CA ARG A 186 6.84 -26.70 -3.07
C ARG A 186 5.50 -26.77 -3.80
N GLY A 187 4.46 -27.17 -3.08
CA GLY A 187 3.12 -27.25 -3.66
C GLY A 187 2.62 -25.89 -4.13
N ILE A 188 3.02 -24.85 -3.43
CA ILE A 188 2.65 -23.48 -3.79
C ILE A 188 3.32 -23.06 -5.09
N GLY A 189 4.61 -23.35 -5.19
CA GLY A 189 5.35 -23.09 -6.41
C GLY A 189 4.79 -23.88 -7.57
N ALA A 190 4.37 -25.11 -7.28
CA ALA A 190 3.79 -25.98 -8.31
C ALA A 190 2.54 -25.37 -8.90
N SER A 191 1.78 -24.66 -8.06
CA SER A 191 0.56 -24.01 -8.51
C SER A 191 0.89 -22.80 -9.39
N LEU A 192 1.84 -21.99 -8.94
CA LEU A 192 2.31 -20.86 -9.73
C LEU A 192 2.77 -21.36 -11.10
N TYR A 193 3.52 -22.47 -11.08
CA TYR A 193 4.00 -23.12 -12.29
C TYR A 193 2.82 -23.51 -13.18
N ALA A 194 1.81 -24.13 -12.58
CA ALA A 194 0.64 -24.55 -13.33
C ALA A 194 -0.06 -23.36 -14.00
N LEU A 195 -0.07 -22.22 -13.31
CA LEU A 195 -0.69 -21.02 -13.87
C LEU A 195 0.13 -20.49 -15.03
N LEU A 196 1.46 -20.56 -14.91
CA LEU A 196 2.34 -20.05 -15.95
C LEU A 196 2.37 -20.91 -17.22
N VAL A 197 2.75 -22.18 -17.09
CA VAL A 197 2.90 -23.06 -18.25
C VAL A 197 1.77 -24.08 -18.50
N ASN A 198 0.75 -24.10 -17.64
CA ASN A 198 -0.31 -25.11 -17.73
C ASN A 198 0.24 -26.54 -17.57
N ARG A 199 1.15 -26.72 -16.61
CA ARG A 199 1.72 -28.03 -16.31
C ARG A 199 1.89 -28.20 -14.79
N TRP A 200 1.88 -29.45 -14.32
CA TRP A 200 2.08 -29.73 -12.90
C TRP A 200 3.46 -30.34 -12.67
N PRO A 201 4.39 -29.57 -12.07
CA PRO A 201 5.78 -29.99 -11.90
C PRO A 201 6.02 -30.76 -10.61
N LEU A 202 5.19 -31.75 -10.31
CA LEU A 202 5.38 -32.59 -9.13
C LEU A 202 4.87 -33.98 -9.48
N PRO A 203 5.42 -35.02 -8.84
CA PRO A 203 4.94 -36.31 -9.34
C PRO A 203 3.53 -36.64 -8.88
N GLU A 204 2.62 -35.67 -8.94
CA GLU A 204 1.22 -35.97 -9.24
C GLU A 204 0.67 -37.16 -8.44
N ALA A 205 0.37 -38.24 -9.15
CA ALA A 205 -0.37 -39.37 -8.61
C ALA A 205 -1.78 -38.93 -8.24
N GLY A 206 -2.21 -39.26 -7.03
CA GLY A 206 -3.56 -38.95 -6.62
C GLY A 206 -4.53 -39.43 -7.68
N VAL A 207 -5.63 -38.71 -7.85
CA VAL A 207 -6.61 -39.03 -8.88
C VAL A 207 -7.24 -37.73 -9.40
N ARG A 208 -7.54 -37.69 -10.69
CA ARG A 208 -8.09 -36.49 -11.32
C ARG A 208 -7.17 -35.28 -11.27
N SER A 209 -5.91 -35.44 -11.67
CA SER A 209 -4.99 -34.30 -11.72
C SER A 209 -5.51 -33.26 -12.71
N GLY A 210 -5.70 -33.69 -13.95
CA GLY A 210 -6.22 -32.80 -14.99
C GLY A 210 -5.17 -31.88 -15.58
N LEU A 211 -3.91 -32.13 -15.26
CA LEU A 211 -2.80 -31.36 -15.83
C LEU A 211 -1.72 -32.30 -16.33
N ALA A 212 -1.07 -31.91 -17.43
CA ALA A 212 0.05 -32.68 -17.95
C ALA A 212 1.30 -32.42 -17.12
N PRO A 213 2.17 -33.42 -17.00
CA PRO A 213 3.41 -33.29 -16.22
C PRO A 213 4.32 -32.24 -16.83
N ALA A 214 5.24 -31.72 -16.05
CA ALA A 214 6.18 -30.72 -16.53
C ALA A 214 7.36 -31.39 -17.23
N GLU A 215 7.77 -30.83 -18.37
CA GLU A 215 8.98 -31.26 -19.04
C GLU A 215 10.13 -31.19 -18.04
N ARG A 216 10.95 -32.22 -17.99
CA ARG A 216 12.06 -32.26 -17.06
C ARG A 216 13.39 -32.04 -17.77
N ASP A 217 14.31 -31.36 -17.10
CA ASP A 217 15.67 -31.23 -17.60
C ASP A 217 16.41 -32.53 -17.34
N THR A 218 17.70 -32.56 -17.64
CA THR A 218 18.49 -33.78 -17.49
C THR A 218 18.73 -34.12 -16.01
N ALA A 219 18.68 -33.10 -15.15
CA ALA A 219 18.99 -33.28 -13.74
C ALA A 219 17.76 -33.63 -12.90
N GLY A 220 16.62 -33.81 -13.55
CA GLY A 220 15.40 -34.19 -12.85
C GLY A 220 14.57 -32.99 -12.42
N GLN A 221 15.14 -31.81 -12.51
CA GLN A 221 14.43 -30.58 -12.19
C GLN A 221 13.51 -30.17 -13.33
N PRO A 222 12.31 -29.66 -12.99
CA PRO A 222 11.39 -29.16 -14.01
C PRO A 222 12.01 -28.02 -14.80
N ILE A 223 11.80 -28.00 -16.11
CA ILE A 223 12.28 -26.88 -16.92
C ILE A 223 11.68 -25.59 -16.37
N GLU A 224 12.46 -24.52 -16.39
CA GLU A 224 12.00 -23.25 -15.84
C GLU A 224 10.99 -22.55 -16.75
N PRO A 225 9.95 -21.96 -16.13
CA PRO A 225 8.85 -21.29 -16.82
C PRO A 225 9.29 -20.31 -17.90
N ALA A 226 10.33 -19.53 -17.64
CA ALA A 226 10.82 -18.55 -18.59
C ALA A 226 11.46 -19.20 -19.81
N ASP A 227 12.24 -20.26 -19.59
CA ASP A 227 12.87 -20.99 -20.68
C ASP A 227 11.82 -21.56 -21.63
N ILE A 228 10.69 -21.95 -21.08
CA ILE A 228 9.59 -22.51 -21.86
C ILE A 228 8.88 -21.41 -22.65
N ASP A 229 8.55 -20.32 -21.97
CA ASP A 229 7.93 -19.15 -22.60
C ASP A 229 8.64 -17.89 -22.12
N ARG A 230 9.27 -17.17 -23.05
CA ARG A 230 10.20 -16.11 -22.68
C ARG A 230 9.51 -14.78 -22.47
N ASP A 231 8.19 -14.78 -22.60
CA ASP A 231 7.41 -13.60 -22.29
C ASP A 231 7.30 -13.46 -20.78
N ILE A 232 7.35 -14.59 -20.08
CA ILE A 232 7.25 -14.60 -18.63
C ILE A 232 8.45 -13.91 -18.00
N PRO A 233 8.21 -12.82 -17.25
CA PRO A 233 9.29 -12.08 -16.59
C PRO A 233 10.19 -13.00 -15.78
N PHE A 234 11.49 -12.71 -15.76
CA PHE A 234 12.46 -13.59 -15.11
C PHE A 234 12.21 -13.76 -13.63
N GLN A 235 11.90 -12.65 -12.95
CA GLN A 235 11.64 -12.66 -11.52
C GLN A 235 10.48 -13.59 -11.17
N ILE A 236 9.47 -13.61 -12.02
CA ILE A 236 8.26 -14.40 -11.80
C ILE A 236 8.51 -15.88 -12.09
N SER A 237 9.31 -16.16 -13.11
CA SER A 237 9.71 -17.53 -13.40
C SER A 237 10.57 -18.04 -12.24
N ALA A 238 11.52 -17.22 -11.81
CA ALA A 238 12.43 -17.59 -10.74
C ALA A 238 11.69 -18.07 -9.50
N VAL A 239 10.77 -17.26 -9.01
CA VAL A 239 9.99 -17.61 -7.83
C VAL A 239 9.31 -18.97 -7.98
N ALA A 240 8.92 -19.31 -9.21
CA ALA A 240 8.31 -20.60 -9.48
C ALA A 240 9.33 -21.73 -9.38
N ALA A 241 10.52 -21.53 -9.95
CA ALA A 241 11.53 -22.58 -10.02
C ALA A 241 12.29 -22.79 -8.71
N ARG A 242 12.70 -21.71 -8.07
CA ARG A 242 13.41 -21.82 -6.78
C ARG A 242 12.50 -22.37 -5.71
N SER A 243 11.20 -22.16 -5.88
CA SER A 243 10.19 -22.64 -4.95
C SER A 243 9.86 -24.11 -5.16
N VAL A 244 9.74 -24.51 -6.42
CA VAL A 244 9.31 -25.86 -6.78
C VAL A 244 10.32 -26.93 -6.38
N GLN A 245 11.60 -26.59 -6.39
CA GLN A 245 12.62 -27.56 -6.05
C GLN A 245 12.83 -27.64 -4.55
N GLY A 246 12.63 -28.84 -3.99
CA GLY A 246 12.91 -29.08 -2.60
C GLY A 246 14.40 -29.09 -2.39
N ASP A 247 15.14 -29.01 -3.49
CA ASP A 247 16.60 -29.04 -3.47
C ASP A 247 17.16 -28.04 -2.49
N GLY A 248 16.53 -26.87 -2.39
CA GLY A 248 17.03 -25.82 -1.52
C GLY A 248 16.42 -24.47 -1.84
N GLY A 249 17.14 -23.42 -1.50
CA GLY A 249 16.64 -22.06 -1.67
C GLY A 249 15.55 -21.73 -0.67
N ILE A 250 14.42 -21.24 -1.16
CA ILE A 250 13.39 -20.71 -0.27
C ILE A 250 12.93 -21.75 0.75
N ARG A 251 13.16 -21.46 2.03
CA ARG A 251 12.72 -22.33 3.12
C ARG A 251 11.53 -21.85 3.96
N SER A 252 10.96 -20.69 3.63
CA SER A 252 9.86 -20.15 4.43
C SER A 252 8.77 -19.48 3.59
N ALA A 253 7.52 -19.69 4.00
CA ALA A 253 6.40 -19.02 3.36
C ALA A 253 6.56 -17.52 3.51
N SER A 254 7.18 -17.12 4.60
CA SER A 254 7.51 -15.72 4.86
C SER A 254 8.32 -15.13 3.70
N THR A 255 9.52 -15.65 3.50
CA THR A 255 10.40 -15.19 2.44
C THR A 255 9.76 -15.39 1.07
N LEU A 256 9.03 -16.49 0.92
CA LEU A 256 8.34 -16.80 -0.33
C LEU A 256 7.41 -15.66 -0.75
N LEU A 257 6.63 -15.15 0.21
CA LEU A 257 5.68 -14.08 -0.05
C LEU A 257 6.39 -12.79 -0.45
N ASN A 258 7.51 -12.50 0.21
CA ASN A 258 8.29 -11.30 -0.11
C ASN A 258 8.80 -11.34 -1.54
N LEU A 259 9.39 -12.47 -1.94
CA LEU A 259 9.85 -12.63 -3.30
C LEU A 259 8.72 -12.39 -4.28
N MET A 260 7.54 -12.94 -3.95
CA MET A 260 6.37 -12.80 -4.81
C MET A 260 5.99 -11.34 -4.98
N GLN A 261 6.12 -10.58 -3.90
CA GLN A 261 5.69 -9.18 -3.90
C GLN A 261 6.67 -8.29 -4.68
N GLN A 262 7.96 -8.55 -4.50
CA GLN A 262 8.99 -7.80 -5.20
C GLN A 262 8.89 -8.01 -6.71
N ALA A 263 8.66 -9.26 -7.10
CA ALA A 263 8.54 -9.62 -8.50
C ALA A 263 7.36 -8.90 -9.17
N THR A 264 6.27 -8.75 -8.43
CA THR A 264 5.08 -8.07 -8.95
C THR A 264 5.34 -6.58 -9.03
N ALA A 265 5.94 -6.03 -7.97
CA ALA A 265 6.25 -4.61 -7.89
C ALA A 265 7.07 -4.15 -9.09
N LEU B 22 33.94 35.17 4.70
CA LEU B 22 32.58 34.67 4.52
C LEU B 22 31.71 35.00 5.73
N VAL B 23 30.72 35.85 5.52
CA VAL B 23 29.78 36.24 6.57
C VAL B 23 28.35 36.30 6.03
N PRO B 24 27.35 36.29 6.93
CA PRO B 24 25.97 36.43 6.46
C PRO B 24 25.82 37.64 5.53
N GLY B 25 25.09 37.46 4.43
CA GLY B 25 24.85 38.54 3.49
C GLY B 25 25.80 38.54 2.30
N ALA B 26 26.93 37.86 2.42
CA ALA B 26 27.89 37.79 1.34
C ALA B 26 27.27 37.16 0.10
N ARG B 27 27.71 37.61 -1.07
CA ARG B 27 27.16 37.12 -2.34
C ARG B 27 28.19 36.28 -3.08
N ILE B 28 27.78 35.09 -3.50
CA ILE B 28 28.73 34.10 -4.02
C ILE B 28 28.34 33.61 -5.42
N ALA B 29 29.35 33.35 -6.24
CA ALA B 29 29.15 32.89 -7.61
C ALA B 29 28.33 33.89 -8.44
N ASN B 30 28.94 35.04 -8.70
CA ASN B 30 28.30 36.07 -9.50
C ASN B 30 26.98 36.54 -8.90
N GLY B 31 26.96 36.68 -7.58
CA GLY B 31 25.80 37.20 -6.88
C GLY B 31 24.67 36.23 -6.65
N ARG B 32 24.75 35.04 -7.21
CA ARG B 32 23.62 34.11 -7.16
C ARG B 32 23.23 33.69 -5.75
N TYR B 33 24.22 33.29 -4.96
CA TYR B 33 23.93 32.80 -3.61
C TYR B 33 24.21 33.84 -2.54
N ARG B 34 23.35 33.87 -1.53
CA ARG B 34 23.48 34.80 -0.42
C ARG B 34 23.54 34.08 0.92
N LEU B 35 24.66 34.22 1.62
CA LEU B 35 24.90 33.48 2.85
C LEU B 35 23.92 33.84 3.96
N LEU B 36 23.33 32.83 4.60
CA LEU B 36 22.41 33.05 5.71
C LEU B 36 23.01 32.68 7.06
N ILE B 37 23.33 31.40 7.24
CA ILE B 37 23.79 30.91 8.53
C ILE B 37 25.03 30.02 8.43
N PHE B 38 25.97 30.22 9.35
CA PHE B 38 27.20 29.43 9.40
C PHE B 38 26.99 28.16 10.22
N HIS B 39 27.20 27.02 9.61
CA HIS B 39 27.06 25.73 10.30
C HIS B 39 28.34 25.05 10.80
N GLY B 40 29.48 25.71 10.67
CA GLY B 40 30.73 25.14 11.12
C GLY B 40 31.46 24.41 10.00
N GLY B 41 32.30 23.46 10.37
CA GLY B 41 33.04 22.68 9.40
C GLY B 41 34.35 22.15 9.92
N VAL B 42 35.08 21.45 9.05
CA VAL B 42 36.44 21.00 9.36
C VAL B 42 37.38 21.73 8.43
N PRO B 43 38.13 22.70 8.96
CA PRO B 43 38.94 23.59 8.13
C PRO B 43 39.83 22.83 7.16
N PRO B 44 39.99 23.36 5.93
CA PRO B 44 39.44 24.61 5.40
C PRO B 44 37.93 24.62 5.10
N LEU B 45 37.29 23.45 5.04
CA LEU B 45 35.87 23.36 4.67
C LEU B 45 34.95 24.21 5.56
N GLN B 46 33.97 24.86 4.94
CA GLN B 46 32.94 25.61 5.67
C GLN B 46 31.54 25.25 5.18
N PHE B 47 30.66 24.90 6.11
CA PHE B 47 29.28 24.57 5.78
C PHE B 47 28.41 25.81 6.01
N TRP B 48 27.70 26.24 4.98
CA TRP B 48 26.82 27.42 5.06
C TRP B 48 25.41 27.14 4.56
N GLN B 49 24.42 27.64 5.28
CA GLN B 49 23.04 27.65 4.82
C GLN B 49 22.80 28.95 4.06
N ALA B 50 22.37 28.86 2.80
CA ALA B 50 22.25 30.06 1.97
C ALA B 50 20.95 30.20 1.19
N LEU B 51 20.73 31.40 0.65
CA LEU B 51 19.58 31.65 -0.22
C LEU B 51 20.04 31.68 -1.67
N ASP B 52 19.36 30.92 -2.53
CA ASP B 52 19.65 30.99 -3.94
C ASP B 52 18.71 32.06 -4.47
N THR B 53 19.27 33.21 -4.82
CA THR B 53 18.46 34.39 -5.09
C THR B 53 17.82 34.32 -6.47
N ALA B 54 18.31 33.41 -7.30
CA ALA B 54 17.75 33.21 -8.63
C ALA B 54 16.48 32.37 -8.60
N LEU B 55 16.51 31.29 -7.83
CA LEU B 55 15.35 30.40 -7.74
C LEU B 55 14.49 30.66 -6.51
N ASP B 56 14.90 31.63 -5.69
CA ASP B 56 14.24 31.91 -4.43
C ASP B 56 14.05 30.63 -3.61
N ARG B 57 15.14 29.90 -3.41
CA ARG B 57 15.11 28.74 -2.53
C ARG B 57 16.43 28.63 -1.76
N GLN B 58 16.38 27.90 -0.66
CA GLN B 58 17.59 27.65 0.11
C GLN B 58 18.42 26.58 -0.57
N VAL B 59 19.74 26.67 -0.39
CA VAL B 59 20.66 25.64 -0.79
C VAL B 59 21.68 25.44 0.33
N ALA B 60 22.35 24.30 0.33
CA ALA B 60 23.47 24.06 1.23
C ALA B 60 24.75 24.34 0.47
N LEU B 61 25.66 25.08 1.08
CA LEU B 61 26.93 25.41 0.45
C LEU B 61 28.09 24.84 1.26
N THR B 62 29.00 24.14 0.60
CA THR B 62 30.27 23.81 1.23
C THR B 62 31.40 24.51 0.48
N PHE B 63 32.06 25.44 1.15
CA PHE B 63 33.24 26.08 0.60
C PHE B 63 34.44 25.21 0.91
N VAL B 64 35.12 24.75 -0.14
CA VAL B 64 36.23 23.83 0.04
C VAL B 64 37.42 24.49 0.71
N ASP B 65 37.89 25.60 0.14
CA ASP B 65 39.06 26.31 0.65
C ASP B 65 38.95 27.83 0.43
N PRO B 66 38.10 28.52 1.20
CA PRO B 66 37.85 29.94 0.93
C PRO B 66 39.10 30.81 0.99
N GLN B 67 40.07 30.43 1.82
CA GLN B 67 41.26 31.24 1.99
C GLN B 67 42.45 30.80 1.12
N GLY B 68 42.23 29.77 0.32
CA GLY B 68 43.24 29.29 -0.61
C GLY B 68 44.50 28.75 0.04
N VAL B 69 44.33 28.02 1.14
CA VAL B 69 45.47 27.40 1.82
C VAL B 69 45.84 26.06 1.21
N LEU B 70 44.94 25.48 0.43
CA LEU B 70 45.17 24.16 -0.13
C LEU B 70 46.08 24.19 -1.35
N PRO B 71 46.96 23.18 -1.49
CA PRO B 71 47.67 22.97 -2.75
C PRO B 71 46.65 22.61 -3.83
N ASP B 72 46.86 23.09 -5.05
CA ASP B 72 45.90 22.85 -6.12
C ASP B 72 45.49 21.38 -6.25
N ASP B 73 46.43 20.46 -6.07
CA ASP B 73 46.12 19.04 -6.22
C ASP B 73 45.11 18.55 -5.18
N VAL B 74 45.16 19.12 -3.98
CA VAL B 74 44.21 18.72 -2.95
C VAL B 74 42.83 19.28 -3.27
N LEU B 75 42.77 20.50 -3.77
CA LEU B 75 41.53 21.08 -4.25
C LEU B 75 40.91 20.24 -5.37
N GLN B 76 41.72 19.92 -6.39
CA GLN B 76 41.24 19.15 -7.52
C GLN B 76 40.71 17.78 -7.10
N GLU B 77 41.45 17.11 -6.22
CA GLU B 77 41.04 15.79 -5.74
C GLU B 77 39.70 15.88 -4.99
N THR B 78 39.55 16.93 -4.19
CA THR B 78 38.31 17.14 -3.44
C THR B 78 37.14 17.28 -4.39
N LEU B 79 37.29 18.16 -5.38
CA LEU B 79 36.24 18.34 -6.38
C LEU B 79 35.95 17.04 -7.13
N SER B 80 37.00 16.35 -7.56
CA SER B 80 36.85 15.09 -8.29
C SER B 80 36.13 14.03 -7.49
N ARG B 81 36.56 13.82 -6.24
CA ARG B 81 35.95 12.79 -5.43
C ARG B 81 34.51 13.16 -5.11
N THR B 82 34.26 14.45 -4.92
CA THR B 82 32.91 14.92 -4.68
C THR B 82 32.02 14.66 -5.90
N LEU B 83 32.54 14.93 -7.09
CA LEU B 83 31.82 14.62 -8.33
C LEU B 83 31.50 13.13 -8.42
N ARG B 84 32.50 12.32 -8.06
CA ARG B 84 32.32 10.89 -7.98
C ARG B 84 31.15 10.54 -7.04
N LEU B 85 31.15 11.18 -5.87
CA LEU B 85 30.13 10.94 -4.86
C LEU B 85 28.73 11.32 -5.35
N SER B 86 28.64 12.44 -6.08
CA SER B 86 27.35 12.98 -6.51
C SER B 86 26.58 12.07 -7.46
N ARG B 87 27.28 11.13 -8.09
CA ARG B 87 26.65 10.25 -9.06
C ARG B 87 25.98 9.04 -8.39
N ILE B 88 26.25 8.88 -7.10
CA ILE B 88 25.51 7.94 -6.29
C ILE B 88 24.12 8.54 -6.15
N ASP B 89 23.09 7.79 -6.53
CA ASP B 89 21.76 8.33 -6.35
C ASP B 89 21.11 7.59 -5.19
N LYS B 90 21.06 8.26 -4.05
CA LYS B 90 20.55 7.68 -2.82
C LYS B 90 19.90 8.75 -1.96
N PRO B 91 18.86 8.39 -1.21
CA PRO B 91 18.22 9.38 -0.33
C PRO B 91 19.20 9.88 0.72
N GLY B 92 20.23 9.09 1.01
CA GLY B 92 21.18 9.40 2.07
C GLY B 92 22.15 10.53 1.77
N VAL B 93 22.19 10.98 0.52
CA VAL B 93 23.02 12.12 0.17
C VAL B 93 22.22 13.17 -0.59
N ALA B 94 22.35 14.43 -0.16
CA ALA B 94 21.65 15.52 -0.81
C ALA B 94 22.12 15.66 -2.25
N ARG B 95 21.20 15.94 -3.16
CA ARG B 95 21.52 16.15 -4.56
C ARG B 95 22.50 17.32 -4.69
N VAL B 96 23.54 17.12 -5.48
CA VAL B 96 24.48 18.20 -5.78
C VAL B 96 23.96 19.02 -6.96
N LEU B 97 23.76 20.31 -6.72
CA LEU B 97 23.31 21.24 -7.77
C LEU B 97 24.41 21.77 -8.67
N ASP B 98 25.56 22.06 -8.09
CA ASP B 98 26.71 22.53 -8.86
C ASP B 98 28.00 22.22 -8.14
N VAL B 99 29.08 22.08 -8.90
CA VAL B 99 30.41 22.07 -8.35
C VAL B 99 31.20 23.02 -9.22
N VAL B 100 31.69 24.11 -8.63
CA VAL B 100 32.26 25.17 -9.42
C VAL B 100 33.37 25.89 -8.67
N HIS B 101 34.38 26.33 -9.41
CA HIS B 101 35.46 27.09 -8.80
C HIS B 101 35.09 28.56 -8.93
N THR B 102 34.80 29.19 -7.79
CA THR B 102 34.35 30.57 -7.78
C THR B 102 35.45 31.53 -7.34
N ARG B 103 35.11 32.81 -7.23
CA ARG B 103 36.06 33.79 -6.72
C ARG B 103 36.28 33.56 -5.22
N ALA B 104 35.35 32.81 -4.63
CA ALA B 104 35.47 32.40 -3.22
C ALA B 104 36.13 31.02 -3.09
N GLY B 105 36.58 30.46 -4.21
CA GLY B 105 37.25 29.18 -4.21
C GLY B 105 36.31 28.04 -4.55
N GLY B 106 36.82 26.82 -4.48
CA GLY B 106 36.01 25.65 -4.79
C GLY B 106 34.70 25.69 -4.02
N LEU B 107 33.60 25.38 -4.71
CA LEU B 107 32.29 25.46 -4.08
C LEU B 107 31.39 24.29 -4.47
N VAL B 108 30.83 23.62 -3.47
CA VAL B 108 29.88 22.56 -3.71
C VAL B 108 28.49 23.01 -3.27
N VAL B 109 27.57 23.04 -4.23
CA VAL B 109 26.21 23.49 -3.98
C VAL B 109 25.28 22.29 -3.97
N ALA B 110 24.55 22.11 -2.87
CA ALA B 110 23.57 21.02 -2.79
C ALA B 110 22.16 21.55 -2.50
N GLU B 111 21.16 20.73 -2.82
CA GLU B 111 19.78 21.04 -2.48
C GLU B 111 19.67 21.16 -0.97
N TRP B 112 18.74 21.99 -0.51
CA TRP B 112 18.51 22.11 0.93
C TRP B 112 17.63 20.95 1.41
N ILE B 113 18.03 20.33 2.51
CA ILE B 113 17.20 19.30 3.11
C ILE B 113 16.33 19.94 4.20
N ARG B 114 15.02 20.01 3.98
CA ARG B 114 14.08 20.50 5.00
C ARG B 114 14.12 19.52 6.14
N GLY B 115 14.06 20.02 7.37
CA GLY B 115 14.47 19.20 8.47
C GLY B 115 14.94 20.01 9.65
N GLY B 116 15.86 19.41 10.39
CA GLY B 116 16.64 20.13 11.37
C GLY B 116 18.02 19.52 11.35
N SER B 117 18.98 20.25 11.93
CA SER B 117 20.34 19.77 11.99
C SER B 117 20.38 18.56 12.91
N LEU B 118 21.43 17.76 12.81
CA LEU B 118 21.63 16.64 13.71
C LEU B 118 21.59 17.12 15.16
N GLN B 119 22.34 18.19 15.45
CA GLN B 119 22.38 18.76 16.80
C GLN B 119 20.99 19.13 17.30
N GLU B 120 20.22 19.83 16.47
CA GLU B 120 18.85 20.21 16.83
C GLU B 120 17.99 19.01 17.22
N VAL B 121 17.98 17.98 16.38
CA VAL B 121 17.15 16.81 16.64
C VAL B 121 17.66 16.02 17.85
N ALA B 122 18.97 15.97 18.01
CA ALA B 122 19.56 15.24 19.15
C ALA B 122 19.10 15.84 20.46
N ASP B 123 18.81 17.13 20.43
CA ASP B 123 18.43 17.86 21.63
C ASP B 123 17.00 17.58 22.06
N THR B 124 16.21 17.01 21.16
CA THR B 124 14.81 16.71 21.47
C THR B 124 14.64 15.31 22.06
N SER B 125 15.77 14.62 22.27
CA SER B 125 15.75 13.25 22.79
C SER B 125 14.75 12.35 22.09
N PRO B 126 14.99 12.05 20.80
CA PRO B 126 14.11 11.21 19.99
C PRO B 126 14.14 9.74 20.40
N SER B 127 13.11 9.01 19.98
CA SER B 127 13.05 7.56 20.19
C SER B 127 14.31 6.89 19.67
N PRO B 128 14.91 6.00 20.48
CA PRO B 128 16.10 5.26 20.03
C PRO B 128 15.79 4.45 18.76
N VAL B 129 14.57 3.93 18.67
CA VAL B 129 14.15 3.17 17.50
C VAL B 129 14.00 4.08 16.27
N GLY B 130 13.44 5.27 16.48
CA GLY B 130 13.32 6.24 15.42
C GLY B 130 14.68 6.71 14.95
N ALA B 131 15.61 6.85 15.89
CA ALA B 131 16.95 7.32 15.59
C ALA B 131 17.72 6.34 14.71
N ILE B 132 17.70 5.06 15.08
CA ILE B 132 18.43 4.06 14.32
C ILE B 132 17.79 3.84 12.94
N ARG B 133 16.47 3.94 12.88
CA ARG B 133 15.75 3.81 11.62
C ARG B 133 16.14 4.92 10.66
N ALA B 134 16.20 6.14 11.18
CA ALA B 134 16.57 7.29 10.38
C ALA B 134 18.00 7.19 9.85
N MET B 135 18.85 6.51 10.62
N MET B 135 18.87 6.54 10.62
CA MET B 135 20.27 6.40 10.28
CA MET B 135 20.28 6.42 10.24
C MET B 135 20.53 5.40 9.15
C MET B 135 20.50 5.47 9.07
N GLN B 136 19.53 4.60 8.82
CA GLN B 136 19.68 3.57 7.79
C GLN B 136 20.03 4.13 6.40
N SER B 137 19.34 5.19 5.99
CA SER B 137 19.59 5.81 4.69
C SER B 137 21.04 6.27 4.54
N LEU B 138 21.60 6.84 5.60
CA LEU B 138 22.98 7.29 5.56
C LEU B 138 23.94 6.10 5.41
N ALA B 139 23.64 5.01 6.10
CA ALA B 139 24.47 3.81 6.02
C ALA B 139 24.38 3.16 4.63
N ALA B 140 23.18 3.18 4.06
CA ALA B 140 22.97 2.61 2.73
C ALA B 140 23.73 3.41 1.68
N ALA B 141 23.78 4.72 1.87
CA ALA B 141 24.48 5.62 0.96
C ALA B 141 25.99 5.39 1.07
N ALA B 142 26.49 5.27 2.30
CA ALA B 142 27.91 4.98 2.51
C ALA B 142 28.30 3.68 1.80
N ASP B 143 27.45 2.66 1.92
CA ASP B 143 27.71 1.37 1.29
C ASP B 143 27.82 1.56 -0.21
N ALA B 144 26.82 2.23 -0.79
CA ALA B 144 26.81 2.51 -2.22
C ALA B 144 28.05 3.28 -2.67
N ALA B 145 28.46 4.26 -1.86
CA ALA B 145 29.59 5.11 -2.21
C ALA B 145 30.92 4.36 -2.13
N HIS B 146 31.05 3.51 -1.11
CA HIS B 146 32.25 2.72 -0.91
C HIS B 146 32.43 1.71 -2.04
N ARG B 147 31.32 1.18 -2.53
CA ARG B 147 31.35 0.27 -3.67
C ARG B 147 31.82 1.01 -4.92
N ALA B 148 31.56 2.31 -4.96
CA ALA B 148 31.96 3.15 -6.08
C ALA B 148 33.35 3.73 -5.85
N GLY B 149 33.98 3.35 -4.74
CA GLY B 149 35.32 3.82 -4.42
C GLY B 149 35.41 5.24 -3.90
N VAL B 150 34.34 5.73 -3.28
CA VAL B 150 34.34 7.08 -2.72
C VAL B 150 33.77 7.11 -1.30
N ALA B 151 34.23 8.07 -0.49
CA ALA B 151 33.77 8.20 0.90
C ALA B 151 32.83 9.39 1.08
N LEU B 152 31.90 9.27 2.03
CA LEU B 152 31.00 10.37 2.41
C LEU B 152 31.70 11.44 3.24
N SER B 153 32.79 11.06 3.89
CA SER B 153 33.45 11.95 4.84
C SER B 153 32.56 12.43 5.98
N ILE B 154 31.97 11.52 6.77
CA ILE B 154 31.12 12.07 7.80
C ILE B 154 32.12 12.25 8.91
N ASP B 155 32.62 13.47 8.94
CA ASP B 155 33.68 13.91 9.84
C ASP B 155 33.26 14.81 11.00
N HIS B 156 31.97 15.09 11.10
CA HIS B 156 31.52 16.27 11.83
C HIS B 156 29.99 16.28 11.88
N PRO B 157 29.42 16.64 13.04
CA PRO B 157 27.97 16.60 13.30
C PRO B 157 27.19 17.42 12.29
N SER B 158 27.78 18.52 11.82
CA SER B 158 27.08 19.40 10.88
C SER B 158 27.00 18.87 9.45
N ARG B 159 27.73 17.80 9.14
CA ARG B 159 27.66 17.20 7.81
C ARG B 159 26.25 16.70 7.48
N VAL B 160 25.53 16.22 8.49
CA VAL B 160 24.27 15.55 8.27
C VAL B 160 23.08 16.24 8.89
N ARG B 161 21.95 16.20 8.19
CA ARG B 161 20.72 16.77 8.70
C ARG B 161 19.66 15.68 8.72
N VAL B 162 18.58 15.90 9.47
CA VAL B 162 17.49 14.95 9.52
C VAL B 162 16.28 15.49 8.76
N SER B 163 15.90 14.81 7.68
CA SER B 163 14.82 15.29 6.83
C SER B 163 13.48 15.17 7.54
N ILE B 164 12.49 15.94 7.09
CA ILE B 164 11.15 15.84 7.64
C ILE B 164 10.58 14.43 7.47
N ASP B 165 10.98 13.77 6.38
CA ASP B 165 10.54 12.40 6.11
C ASP B 165 11.21 11.38 7.03
N GLY B 166 12.16 11.85 7.84
CA GLY B 166 12.83 11.00 8.81
C GLY B 166 14.07 10.26 8.34
N ASP B 167 14.78 10.82 7.37
CA ASP B 167 16.05 10.26 6.94
C ASP B 167 17.23 11.14 7.37
N VAL B 168 18.31 10.50 7.84
CA VAL B 168 19.56 11.23 8.03
C VAL B 168 20.29 11.30 6.69
N VAL B 169 20.63 12.52 6.27
CA VAL B 169 21.16 12.74 4.93
C VAL B 169 22.43 13.59 5.01
N LEU B 170 23.45 13.24 4.23
CA LEU B 170 24.63 14.11 4.20
C LEU B 170 24.18 15.36 3.48
N ALA B 171 24.24 16.50 4.19
CA ALA B 171 23.76 17.75 3.62
C ALA B 171 24.83 18.63 2.99
N TYR B 172 26.09 18.31 3.27
CA TYR B 172 27.17 19.18 2.81
C TYR B 172 28.27 18.33 2.20
N PRO B 173 27.97 17.69 1.07
CA PRO B 173 29.05 16.87 0.52
C PRO B 173 30.23 17.73 0.12
N ALA B 174 31.41 17.42 0.63
CA ALA B 174 32.67 17.65 -0.06
C ALA B 174 33.56 16.53 0.44
N THR B 175 34.28 15.85 -0.45
CA THR B 175 35.14 14.76 0.01
C THR B 175 36.60 15.09 -0.21
N MET B 176 37.30 15.40 0.88
CA MET B 176 38.74 15.64 0.82
C MET B 176 39.48 14.31 0.93
N PRO B 177 40.77 14.30 0.57
CA PRO B 177 41.58 13.08 0.56
C PRO B 177 41.58 12.32 1.90
N ASP B 178 41.39 13.01 3.01
CA ASP B 178 41.38 12.36 4.33
C ASP B 178 40.24 11.37 4.47
N ALA B 179 39.14 11.59 3.75
CA ALA B 179 37.95 10.75 3.87
C ALA B 179 38.20 9.31 3.42
N ASN B 180 37.74 8.36 4.24
CA ASN B 180 37.89 6.94 3.93
C ASN B 180 36.70 6.14 4.47
N PRO B 181 36.47 4.93 3.92
CA PRO B 181 35.30 4.15 4.32
C PRO B 181 35.22 3.87 5.82
N GLN B 182 36.34 3.60 6.47
CA GLN B 182 36.32 3.23 7.89
C GLN B 182 35.95 4.42 8.77
N ASP B 183 36.38 5.61 8.40
CA ASP B 183 36.03 6.80 9.16
C ASP B 183 34.58 7.19 8.94
N ASP B 184 34.04 6.86 7.77
CA ASP B 184 32.60 7.05 7.55
C ASP B 184 31.82 6.26 8.59
N ILE B 185 32.21 5.01 8.77
CA ILE B 185 31.55 4.13 9.73
C ILE B 185 31.57 4.72 11.14
N ARG B 186 32.71 5.29 11.52
CA ARG B 186 32.84 5.92 12.83
C ARG B 186 32.00 7.19 12.92
N GLY B 187 31.98 7.96 11.84
CA GLY B 187 31.20 9.19 11.78
C GLY B 187 29.71 8.92 11.84
N ILE B 188 29.29 7.84 11.20
CA ILE B 188 27.88 7.43 11.22
C ILE B 188 27.48 6.94 12.60
N GLY B 189 28.36 6.15 13.22
CA GLY B 189 28.12 5.66 14.57
C GLY B 189 28.08 6.82 15.55
N ALA B 190 28.96 7.80 15.33
CA ALA B 190 29.01 8.99 16.17
C ALA B 190 27.71 9.79 16.06
N SER B 191 27.19 9.88 14.84
CA SER B 191 25.94 10.60 14.60
C SER B 191 24.77 9.93 15.32
N LEU B 192 24.69 8.61 15.23
CA LEU B 192 23.67 7.85 15.94
C LEU B 192 23.82 8.02 17.46
N TYR B 193 25.07 8.02 17.92
CA TYR B 193 25.39 8.27 19.32
C TYR B 193 24.78 9.59 19.74
N ALA B 194 25.01 10.63 18.94
CA ALA B 194 24.49 11.96 19.22
C ALA B 194 22.98 11.94 19.35
N LEU B 195 22.31 11.21 18.45
CA LEU B 195 20.87 11.13 18.51
C LEU B 195 20.41 10.46 19.79
N LEU B 196 21.08 9.37 20.19
CA LEU B 196 20.68 8.66 21.39
C LEU B 196 20.92 9.43 22.70
N VAL B 197 22.18 9.78 22.95
CA VAL B 197 22.56 10.54 24.16
C VAL B 197 22.86 12.06 24.07
N ASN B 198 22.78 12.66 22.88
CA ASN B 198 23.07 14.09 22.74
C ASN B 198 24.51 14.48 23.11
N ARG B 199 25.48 13.66 22.70
CA ARG B 199 26.89 13.94 22.91
C ARG B 199 27.67 13.42 21.71
N TRP B 200 28.87 13.97 21.48
CA TRP B 200 29.74 13.51 20.40
C TRP B 200 30.83 12.61 20.96
N PRO B 201 30.82 11.33 20.55
CA PRO B 201 31.69 10.22 20.95
C PRO B 201 33.15 10.31 20.48
N LEU B 202 33.45 11.20 19.54
CA LEU B 202 34.80 11.24 18.96
C LEU B 202 35.49 12.52 19.40
N PRO B 203 36.83 12.53 19.40
CA PRO B 203 37.53 13.77 19.76
C PRO B 203 36.97 14.93 18.94
N GLU B 204 36.83 16.09 19.57
CA GLU B 204 36.22 17.24 18.91
C GLU B 204 36.92 17.52 17.58
N ALA B 205 36.11 17.73 16.55
CA ALA B 205 36.62 17.98 15.20
C ALA B 205 36.18 19.34 14.69
N GLY B 206 37.09 20.04 14.04
CA GLY B 206 36.81 21.32 13.43
C GLY B 206 36.16 22.34 14.33
N VAL B 207 35.27 23.15 13.76
CA VAL B 207 34.65 24.24 14.48
C VAL B 207 33.13 24.19 14.45
N ARG B 208 32.52 24.80 15.47
CA ARG B 208 31.07 24.83 15.65
C ARG B 208 30.39 23.48 15.55
N SER B 209 30.92 22.49 16.26
CA SER B 209 30.28 21.18 16.31
C SER B 209 28.96 21.22 17.09
N GLY B 210 28.89 22.08 18.10
CA GLY B 210 27.65 22.30 18.85
C GLY B 210 27.18 21.12 19.68
N LEU B 211 28.09 20.24 20.04
CA LEU B 211 27.76 19.08 20.87
C LEU B 211 28.77 18.93 21.99
N ALA B 212 28.29 18.63 23.20
CA ALA B 212 29.18 18.35 24.31
C ALA B 212 29.81 16.99 24.09
N PRO B 213 31.04 16.81 24.59
CA PRO B 213 31.76 15.54 24.45
C PRO B 213 31.05 14.41 25.20
N ALA B 214 31.12 13.21 24.66
CA ALA B 214 30.58 12.03 25.36
C ALA B 214 31.35 11.85 26.66
N GLU B 215 30.67 11.34 27.69
CA GLU B 215 31.37 10.96 28.90
C GLU B 215 32.20 9.72 28.58
N ARG B 216 33.40 9.66 29.14
CA ARG B 216 34.32 8.57 28.83
C ARG B 216 34.51 7.65 30.03
N ASP B 217 34.81 6.39 29.76
CA ASP B 217 35.11 5.43 30.80
C ASP B 217 36.57 5.57 31.22
N THR B 218 37.03 4.63 32.05
CA THR B 218 38.38 4.71 32.61
C THR B 218 39.49 4.50 31.57
N ALA B 219 39.17 3.81 30.49
CA ALA B 219 40.13 3.61 29.40
C ALA B 219 40.10 4.79 28.42
N GLY B 220 39.24 5.77 28.69
CA GLY B 220 39.12 6.94 27.85
C GLY B 220 38.19 6.75 26.68
N GLN B 221 37.46 5.64 26.69
CA GLN B 221 36.49 5.32 25.64
C GLN B 221 35.13 5.93 25.97
N PRO B 222 34.37 6.30 24.93
CA PRO B 222 33.03 6.84 25.16
C PRO B 222 32.16 5.80 25.85
N ILE B 223 31.36 6.22 26.82
CA ILE B 223 30.47 5.30 27.51
C ILE B 223 29.37 4.85 26.55
N GLU B 224 29.08 3.56 26.53
CA GLU B 224 28.04 3.03 25.66
C GLU B 224 26.70 3.66 26.03
N PRO B 225 25.89 4.01 25.02
CA PRO B 225 24.60 4.69 25.22
C PRO B 225 23.69 4.00 26.24
N ALA B 226 23.61 2.67 26.17
CA ALA B 226 22.71 1.92 27.06
C ALA B 226 23.09 2.09 28.53
N ASP B 227 24.36 2.32 28.79
CA ASP B 227 24.83 2.55 30.15
C ASP B 227 24.48 3.95 30.63
N ILE B 228 24.45 4.89 29.70
CA ILE B 228 24.05 6.25 30.00
C ILE B 228 22.54 6.34 30.18
N ASP B 229 21.81 5.70 29.27
CA ASP B 229 20.36 5.65 29.34
C ASP B 229 19.88 4.23 29.12
N ARG B 230 19.23 3.65 30.12
CA ARG B 230 18.98 2.21 30.14
C ARG B 230 17.77 1.75 29.33
N ASP B 231 17.09 2.68 28.66
CA ASP B 231 15.95 2.41 27.78
C ASP B 231 16.45 2.29 26.36
N ILE B 232 17.74 2.52 26.20
CA ILE B 232 18.27 2.37 24.89
C ILE B 232 18.56 0.91 24.86
N PRO B 233 17.79 0.18 24.04
CA PRO B 233 17.97 -1.26 23.83
C PRO B 233 19.42 -1.53 23.47
N PHE B 234 20.00 -2.56 24.09
CA PHE B 234 21.41 -2.87 23.91
C PHE B 234 21.85 -2.93 22.45
N GLN B 235 21.05 -3.58 21.61
CA GLN B 235 21.40 -3.76 20.21
C GLN B 235 21.58 -2.41 19.54
N ILE B 236 20.63 -1.52 19.76
CA ILE B 236 20.69 -0.17 19.22
C ILE B 236 21.91 0.55 19.77
N SER B 237 22.10 0.44 21.09
CA SER B 237 23.27 1.03 21.75
C SER B 237 24.57 0.48 21.16
N ALA B 238 24.60 -0.82 20.88
CA ALA B 238 25.81 -1.49 20.43
C ALA B 238 26.23 -1.06 19.02
N VAL B 239 25.25 -0.89 18.13
CA VAL B 239 25.55 -0.41 16.79
C VAL B 239 26.38 0.88 16.87
N ALA B 240 25.94 1.79 17.73
CA ALA B 240 26.64 3.06 17.91
C ALA B 240 28.04 2.84 18.48
N ALA B 241 28.12 2.12 19.59
CA ALA B 241 29.39 1.90 20.27
C ALA B 241 30.41 1.18 19.41
N ARG B 242 29.96 0.16 18.68
CA ARG B 242 30.88 -0.63 17.87
C ARG B 242 31.31 0.07 16.59
N SER B 243 30.48 0.98 16.11
CA SER B 243 30.84 1.79 14.94
C SER B 243 31.91 2.81 15.32
N VAL B 244 31.76 3.39 16.51
CA VAL B 244 32.63 4.48 16.96
C VAL B 244 34.04 4.00 17.34
N GLN B 245 34.14 2.85 17.99
CA GLN B 245 35.43 2.38 18.45
C GLN B 245 36.27 1.85 17.30
N GLY B 246 37.49 2.36 17.19
CA GLY B 246 38.43 1.84 16.22
C GLY B 246 39.14 0.57 16.69
N ASP B 247 38.93 0.17 17.96
CA ASP B 247 39.52 -1.07 18.44
C ASP B 247 39.08 -2.31 17.66
N GLY B 248 37.88 -2.77 17.97
CA GLY B 248 37.40 -4.08 17.56
C GLY B 248 36.21 -4.11 16.63
N GLY B 249 35.84 -2.98 16.03
CA GLY B 249 34.49 -2.77 15.51
C GLY B 249 34.03 -3.33 14.17
N ILE B 250 33.00 -2.66 13.65
CA ILE B 250 32.35 -2.97 12.37
C ILE B 250 33.21 -2.41 11.24
N ARG B 251 33.60 -3.26 10.29
CA ARG B 251 34.52 -2.88 9.22
C ARG B 251 33.91 -2.51 7.85
N SER B 252 32.60 -2.63 7.71
CA SER B 252 31.96 -2.29 6.44
C SER B 252 30.61 -1.62 6.65
N ALA B 253 30.21 -0.80 5.68
CA ALA B 253 28.92 -0.10 5.75
C ALA B 253 27.80 -1.10 5.56
N SER B 254 28.02 -2.06 4.66
CA SER B 254 27.09 -3.15 4.44
C SER B 254 26.75 -3.85 5.75
N THR B 255 27.78 -4.20 6.51
CA THR B 255 27.60 -4.84 7.81
C THR B 255 26.91 -3.89 8.80
N LEU B 256 27.30 -2.62 8.76
CA LEU B 256 26.67 -1.59 9.59
C LEU B 256 25.16 -1.54 9.33
N LEU B 257 24.78 -1.45 8.07
CA LEU B 257 23.37 -1.40 7.71
C LEU B 257 22.64 -2.66 8.19
N ASN B 258 23.24 -3.82 7.96
CA ASN B 258 22.62 -5.07 8.39
C ASN B 258 22.33 -5.10 9.88
N LEU B 259 23.26 -4.56 10.66
CA LEU B 259 23.08 -4.50 12.11
C LEU B 259 21.96 -3.53 12.49
N MET B 260 21.89 -2.40 11.80
CA MET B 260 20.83 -1.43 12.05
C MET B 260 19.46 -2.05 11.81
N GLN B 261 19.35 -2.83 10.76
CA GLN B 261 18.08 -3.45 10.39
C GLN B 261 17.67 -4.54 11.37
N GLN B 262 18.63 -5.37 11.79
CA GLN B 262 18.33 -6.43 12.76
C GLN B 262 17.91 -5.84 14.09
N ALA B 263 18.48 -4.68 14.44
CA ALA B 263 18.17 -4.03 15.71
C ALA B 263 16.71 -3.57 15.77
N THR B 264 16.20 -3.05 14.65
CA THR B 264 14.84 -2.54 14.58
C THR B 264 13.85 -3.67 14.26
N ALA B 265 14.38 -4.84 13.95
CA ALA B 265 13.55 -6.03 13.73
C ALA B 265 13.08 -6.61 15.06
N PRO C 17 26.11 32.11 -36.23
CA PRO C 17 24.73 32.17 -35.76
C PRO C 17 24.61 32.91 -34.43
N ASP C 18 23.52 33.64 -34.25
CA ASP C 18 23.21 34.30 -32.98
C ASP C 18 23.14 33.27 -31.87
N ASP C 19 22.13 32.40 -31.95
CA ASP C 19 21.87 31.38 -30.94
C ASP C 19 22.37 30.02 -31.42
N VAL C 20 22.85 29.21 -30.49
CA VAL C 20 23.19 27.84 -30.79
C VAL C 20 21.94 27.08 -31.28
N GLN C 21 22.06 26.44 -32.42
CA GLN C 21 20.99 25.63 -32.99
C GLN C 21 20.84 24.34 -32.19
N LEU C 22 19.62 23.83 -32.05
CA LEU C 22 19.43 22.68 -31.19
C LEU C 22 19.50 21.38 -31.97
N VAL C 23 20.60 20.65 -31.76
CA VAL C 23 20.82 19.38 -32.41
C VAL C 23 21.55 18.50 -31.41
N PRO C 24 21.34 17.18 -31.49
CA PRO C 24 22.04 16.30 -30.55
C PRO C 24 23.55 16.57 -30.55
N GLY C 25 24.13 16.62 -29.36
CA GLY C 25 25.57 16.79 -29.21
C GLY C 25 25.97 18.24 -28.96
N ALA C 26 25.07 19.16 -29.34
CA ALA C 26 25.33 20.59 -29.14
C ALA C 26 25.24 20.97 -27.67
N ARG C 27 25.98 22.00 -27.29
CA ARG C 27 25.95 22.49 -25.91
C ARG C 27 25.32 23.88 -25.82
N ILE C 28 24.52 24.08 -24.79
CA ILE C 28 23.78 25.32 -24.62
C ILE C 28 23.83 25.79 -23.17
N ALA C 29 23.42 27.03 -22.95
CA ALA C 29 23.48 27.67 -21.64
C ALA C 29 24.92 27.76 -21.15
N ASN C 30 25.72 28.55 -21.86
CA ASN C 30 27.14 28.69 -21.56
C ASN C 30 27.86 27.35 -21.58
N GLY C 31 27.48 26.50 -22.53
CA GLY C 31 28.14 25.23 -22.74
C GLY C 31 27.93 24.23 -21.63
N ARG C 32 26.98 24.52 -20.74
CA ARG C 32 26.75 23.64 -19.59
C ARG C 32 26.00 22.36 -19.91
N TYR C 33 24.99 22.44 -20.76
CA TYR C 33 24.18 21.26 -21.05
C TYR C 33 24.37 20.76 -22.47
N ARG C 34 24.70 19.48 -22.61
CA ARG C 34 24.89 18.88 -23.93
C ARG C 34 23.64 18.11 -24.33
N LEU C 35 23.01 18.55 -25.42
CA LEU C 35 21.79 17.89 -25.89
C LEU C 35 22.08 16.45 -26.30
N LEU C 36 21.18 15.55 -25.91
CA LEU C 36 21.31 14.13 -26.28
C LEU C 36 20.18 13.69 -27.20
N ILE C 37 18.94 13.74 -26.70
CA ILE C 37 17.78 13.26 -27.44
C ILE C 37 16.58 14.19 -27.35
N PHE C 38 16.00 14.52 -28.51
CA PHE C 38 14.79 15.33 -28.57
C PHE C 38 13.55 14.48 -28.30
N HIS C 39 12.82 14.82 -27.26
CA HIS C 39 11.63 14.06 -26.89
C HIS C 39 10.28 14.62 -27.35
N GLY C 40 10.33 15.69 -28.13
CA GLY C 40 9.12 16.33 -28.62
C GLY C 40 8.75 17.60 -27.90
N GLY C 41 7.52 18.04 -28.09
CA GLY C 41 7.00 19.17 -27.33
C GLY C 41 5.91 19.89 -28.09
N VAL C 42 5.32 20.87 -27.43
CA VAL C 42 4.29 21.71 -28.02
C VAL C 42 4.77 23.15 -28.10
N PRO C 43 4.97 23.67 -29.32
CA PRO C 43 5.50 25.04 -29.41
C PRO C 43 4.70 26.01 -28.53
N PRO C 44 5.38 26.98 -27.93
CA PRO C 44 6.82 27.14 -28.14
C PRO C 44 7.69 26.35 -27.17
N LEU C 45 7.43 25.06 -26.97
CA LEU C 45 8.20 24.30 -26.00
C LEU C 45 8.85 23.09 -26.65
N GLN C 46 10.09 22.81 -26.26
CA GLN C 46 10.78 21.59 -26.67
C GLN C 46 11.30 20.81 -25.47
N PHE C 47 11.03 19.51 -25.46
CA PHE C 47 11.47 18.63 -24.41
C PHE C 47 12.71 17.86 -24.85
N TRP C 48 13.78 17.96 -24.07
CA TRP C 48 15.04 17.30 -24.40
C TRP C 48 15.60 16.49 -23.23
N GLN C 49 16.29 15.41 -23.58
CA GLN C 49 17.13 14.68 -22.65
C GLN C 49 18.54 15.18 -22.90
N ALA C 50 19.24 15.59 -21.84
CA ALA C 50 20.56 16.17 -22.01
C ALA C 50 21.56 15.74 -20.93
N LEU C 51 22.79 16.22 -21.07
CA LEU C 51 23.85 15.88 -20.14
C LEU C 51 24.45 17.15 -19.56
N ASP C 52 24.47 17.21 -18.23
CA ASP C 52 25.05 18.35 -17.54
C ASP C 52 26.55 18.15 -17.53
N THR C 53 27.30 19.07 -18.13
CA THR C 53 28.74 18.90 -18.29
C THR C 53 29.53 19.34 -17.08
N ALA C 54 28.87 20.01 -16.14
CA ALA C 54 29.50 20.34 -14.86
C ALA C 54 29.52 19.13 -13.93
N LEU C 55 28.38 18.44 -13.82
CA LEU C 55 28.24 17.27 -12.96
C LEU C 55 28.33 15.89 -13.62
N ASP C 56 28.46 15.86 -14.95
CA ASP C 56 28.38 14.61 -15.71
C ASP C 56 27.19 13.73 -15.33
N ARG C 57 25.99 14.32 -15.34
CA ARG C 57 24.77 13.55 -15.13
C ARG C 57 23.64 14.06 -16.02
N GLN C 58 22.67 13.19 -16.28
CA GLN C 58 21.61 13.53 -17.21
C GLN C 58 20.52 14.38 -16.57
N VAL C 59 19.95 15.27 -17.35
CA VAL C 59 18.86 16.13 -16.90
C VAL C 59 17.79 16.20 -17.97
N ALA C 60 16.57 16.54 -17.57
CA ALA C 60 15.53 16.90 -18.53
C ALA C 60 15.62 18.40 -18.80
N LEU C 61 15.46 18.78 -20.06
CA LEU C 61 15.45 20.19 -20.43
C LEU C 61 14.11 20.56 -21.06
N THR C 62 13.57 21.70 -20.66
CA THR C 62 12.44 22.27 -21.37
C THR C 62 12.86 23.63 -21.90
N PHE C 63 12.95 23.73 -23.23
CA PHE C 63 13.25 25.01 -23.85
C PHE C 63 11.97 25.81 -24.00
N VAL C 64 11.98 27.03 -23.46
CA VAL C 64 10.84 27.91 -23.64
C VAL C 64 11.19 28.94 -24.71
N ASP C 65 10.56 28.79 -25.87
CA ASP C 65 10.72 29.74 -26.98
C ASP C 65 12.17 29.92 -27.42
N PRO C 66 12.81 28.83 -27.87
CA PRO C 66 14.23 28.89 -28.29
C PRO C 66 14.47 29.94 -29.37
N GLN C 67 13.46 30.19 -30.21
CA GLN C 67 13.60 31.10 -31.34
C GLN C 67 13.28 32.55 -30.98
N GLY C 68 12.74 32.76 -29.78
CA GLY C 68 12.40 34.09 -29.31
C GLY C 68 11.28 34.75 -30.08
N VAL C 69 10.27 33.96 -30.47
CA VAL C 69 9.10 34.50 -31.15
C VAL C 69 8.05 35.08 -30.20
N LEU C 70 8.09 34.66 -28.95
CA LEU C 70 7.07 35.08 -27.99
C LEU C 70 7.22 36.53 -27.57
N PRO C 71 6.10 37.19 -27.23
CA PRO C 71 6.15 38.50 -26.58
C PRO C 71 6.90 38.35 -25.26
N ASP C 72 7.79 39.28 -24.96
CA ASP C 72 8.62 39.15 -23.77
C ASP C 72 7.84 38.89 -22.49
N ASP C 73 6.64 39.46 -22.38
N ASP C 73 6.64 39.47 -22.40
CA ASP C 73 5.84 39.29 -21.18
CA ASP C 73 5.79 39.32 -21.22
C ASP C 73 5.33 37.86 -21.00
C ASP C 73 5.34 37.89 -21.01
N VAL C 74 5.10 37.17 -22.12
CA VAL C 74 4.61 35.81 -22.05
C VAL C 74 5.74 34.87 -21.64
N LEU C 75 6.95 35.17 -22.10
CA LEU C 75 8.13 34.41 -21.72
C LEU C 75 8.41 34.58 -20.23
N GLN C 76 8.38 35.83 -19.76
CA GLN C 76 8.71 36.12 -18.37
C GLN C 76 7.71 35.50 -17.40
N GLU C 77 6.44 35.47 -17.81
CA GLU C 77 5.38 34.93 -16.96
C GLU C 77 5.48 33.40 -16.88
N THR C 78 6.03 32.81 -17.93
CA THR C 78 6.22 31.36 -17.98
C THR C 78 7.36 30.94 -17.05
N LEU C 79 8.45 31.68 -17.09
CA LEU C 79 9.60 31.42 -16.23
C LEU C 79 9.24 31.68 -14.76
N SER C 80 8.54 32.78 -14.50
N SER C 80 8.53 32.78 -14.51
CA SER C 80 8.14 33.13 -13.14
CA SER C 80 8.15 33.13 -13.15
C SER C 80 7.19 32.09 -12.55
C SER C 80 7.18 32.11 -12.54
N ARG C 81 6.16 31.73 -13.31
CA ARG C 81 5.21 30.70 -12.86
C ARG C 81 5.91 29.36 -12.65
N THR C 82 6.88 29.05 -13.50
CA THR C 82 7.62 27.80 -13.38
C THR C 82 8.52 27.82 -12.14
N LEU C 83 8.99 29.00 -11.77
CA LEU C 83 9.82 29.17 -10.57
C LEU C 83 9.04 28.79 -9.31
N ARG C 84 7.77 29.20 -9.28
CA ARG C 84 6.87 28.84 -8.18
C ARG C 84 6.81 27.33 -8.05
N LEU C 85 7.10 26.65 -9.15
CA LEU C 85 7.07 25.20 -9.21
C LEU C 85 8.36 24.60 -8.67
N SER C 86 9.37 25.46 -8.53
CA SER C 86 10.70 25.04 -8.13
C SER C 86 10.80 24.70 -6.63
N ARG C 87 9.77 25.05 -5.87
CA ARG C 87 9.79 24.82 -4.44
C ARG C 87 9.17 23.48 -4.06
N ILE C 88 8.56 22.82 -5.04
CA ILE C 88 7.82 21.59 -4.78
C ILE C 88 8.66 20.33 -4.91
N ASP C 89 8.81 19.61 -3.81
CA ASP C 89 9.53 18.34 -3.83
C ASP C 89 8.50 17.23 -3.72
N LYS C 90 8.24 16.56 -4.84
CA LYS C 90 7.32 15.43 -4.88
C LYS C 90 7.76 14.43 -5.94
N PRO C 91 7.48 13.13 -5.72
CA PRO C 91 7.79 12.13 -6.74
C PRO C 91 7.08 12.41 -8.06
N GLY C 92 5.91 13.05 -7.98
CA GLY C 92 5.07 13.25 -9.15
C GLY C 92 5.50 14.35 -10.12
N VAL C 93 6.51 15.12 -9.74
CA VAL C 93 7.04 16.13 -10.65
C VAL C 93 8.56 16.20 -10.56
N ALA C 94 9.21 16.19 -11.71
CA ALA C 94 10.67 16.28 -11.76
C ALA C 94 11.13 17.49 -10.97
N ARG C 95 12.13 17.28 -10.12
CA ARG C 95 12.70 18.36 -9.33
C ARG C 95 13.30 19.40 -10.25
N VAL C 96 12.92 20.66 -10.08
CA VAL C 96 13.48 21.70 -10.92
C VAL C 96 14.85 22.06 -10.39
N LEU C 97 15.87 21.81 -11.20
CA LEU C 97 17.25 22.09 -10.84
C LEU C 97 17.63 23.55 -11.08
N ASP C 98 16.98 24.18 -12.06
CA ASP C 98 17.33 25.54 -12.42
C ASP C 98 16.42 26.08 -13.51
N VAL C 99 16.36 27.40 -13.60
CA VAL C 99 15.60 28.08 -14.64
C VAL C 99 16.47 29.23 -15.12
N VAL C 100 16.83 29.22 -16.39
CA VAL C 100 17.77 30.22 -16.89
C VAL C 100 17.20 31.03 -18.05
N HIS C 101 17.63 32.27 -18.14
CA HIS C 101 17.36 33.08 -19.32
C HIS C 101 18.46 32.81 -20.31
N THR C 102 18.06 32.34 -21.49
CA THR C 102 19.02 32.13 -22.58
C THR C 102 19.11 33.34 -23.49
N ARG C 103 19.75 33.09 -24.61
CA ARG C 103 19.88 34.01 -25.72
C ARG C 103 18.54 34.70 -26.03
N ALA C 104 17.59 33.89 -26.44
CA ALA C 104 16.30 34.31 -26.97
C ALA C 104 15.22 33.97 -25.94
N GLY C 105 15.12 32.68 -25.65
CA GLY C 105 14.12 32.12 -24.77
C GLY C 105 14.54 31.96 -23.31
N GLY C 106 14.08 30.86 -22.72
CA GLY C 106 14.46 30.50 -21.37
C GLY C 106 14.54 28.99 -21.29
N LEU C 107 15.12 28.48 -20.22
CA LEU C 107 15.43 27.06 -20.11
C LEU C 107 15.09 26.52 -18.72
N VAL C 108 14.27 25.49 -18.68
CA VAL C 108 13.97 24.84 -17.41
C VAL C 108 14.74 23.51 -17.31
N VAL C 109 15.63 23.42 -16.33
CA VAL C 109 16.42 22.21 -16.12
C VAL C 109 15.87 21.41 -14.95
N ALA C 110 15.55 20.15 -15.18
CA ALA C 110 15.02 19.30 -14.13
C ALA C 110 15.80 17.99 -14.06
N GLU C 111 15.63 17.25 -12.96
CA GLU C 111 16.28 15.96 -12.81
C GLU C 111 15.80 15.04 -13.91
N TRP C 112 16.65 14.09 -14.31
CA TRP C 112 16.23 13.09 -15.30
C TRP C 112 15.61 11.88 -14.62
N ILE C 113 14.47 11.43 -15.14
CA ILE C 113 13.77 10.30 -14.57
C ILE C 113 14.01 9.04 -15.39
N ARG C 114 14.75 8.10 -14.82
CA ARG C 114 14.98 6.82 -15.46
C ARG C 114 13.67 6.05 -15.47
N GLY C 115 13.34 5.47 -16.62
CA GLY C 115 11.98 5.03 -16.85
C GLY C 115 11.72 5.06 -18.34
N GLY C 116 10.47 5.27 -18.71
CA GLY C 116 10.11 5.44 -20.10
C GLY C 116 8.99 6.45 -20.19
N SER C 117 8.75 6.97 -21.39
CA SER C 117 7.72 7.97 -21.59
C SER C 117 6.37 7.33 -21.32
N LEU C 118 5.36 8.16 -21.05
CA LEU C 118 4.01 7.67 -20.88
C LEU C 118 3.62 6.78 -22.05
N GLN C 119 4.01 7.19 -23.25
CA GLN C 119 3.68 6.45 -24.46
C GLN C 119 4.34 5.06 -24.46
N GLU C 120 5.65 5.01 -24.19
CA GLU C 120 6.36 3.74 -24.14
C GLU C 120 5.72 2.79 -23.13
N VAL C 121 5.46 3.28 -21.93
CA VAL C 121 4.88 2.45 -20.88
C VAL C 121 3.46 2.02 -21.22
N ALA C 122 2.68 2.93 -21.78
CA ALA C 122 1.32 2.62 -22.20
C ALA C 122 1.31 1.49 -23.22
N ASP C 123 2.35 1.42 -24.04
CA ASP C 123 2.42 0.44 -25.12
C ASP C 123 2.77 -0.97 -24.64
N THR C 124 3.15 -1.09 -23.37
CA THR C 124 3.47 -2.39 -22.80
C THR C 124 2.27 -3.01 -22.09
N SER C 125 1.14 -2.33 -22.15
CA SER C 125 -0.10 -2.81 -21.55
C SER C 125 0.10 -3.21 -20.10
N PRO C 126 0.30 -2.23 -19.22
CA PRO C 126 0.51 -2.47 -17.79
C PRO C 126 -0.75 -2.97 -17.09
N SER C 127 -0.57 -3.63 -15.95
CA SER C 127 -1.68 -4.02 -15.11
C SER C 127 -2.53 -2.80 -14.78
N PRO C 128 -3.86 -2.92 -14.92
CA PRO C 128 -4.78 -1.82 -14.62
C PRO C 128 -4.59 -1.29 -13.19
N VAL C 129 -4.27 -2.18 -12.25
CA VAL C 129 -4.10 -1.80 -10.86
C VAL C 129 -2.74 -1.12 -10.64
N GLY C 130 -1.74 -1.57 -11.39
CA GLY C 130 -0.43 -0.95 -11.34
C GLY C 130 -0.50 0.43 -11.96
N ALA C 131 -1.36 0.58 -12.97
CA ALA C 131 -1.56 1.87 -13.62
C ALA C 131 -2.12 2.90 -12.64
N ILE C 132 -3.24 2.59 -12.02
CA ILE C 132 -3.90 3.51 -11.10
C ILE C 132 -3.01 3.86 -9.90
N ARG C 133 -2.25 2.88 -9.40
CA ARG C 133 -1.31 3.13 -8.32
C ARG C 133 -0.21 4.09 -8.75
N ALA C 134 0.29 3.86 -9.96
CA ALA C 134 1.39 4.67 -10.49
C ALA C 134 0.96 6.12 -10.68
N MET C 135 -0.32 6.31 -11.04
CA MET C 135 -0.85 7.64 -11.34
C MET C 135 -0.92 8.53 -10.12
N GLN C 136 -1.06 7.91 -8.95
CA GLN C 136 -1.30 8.63 -7.71
C GLN C 136 -0.27 9.73 -7.42
N SER C 137 0.99 9.47 -7.74
CA SER C 137 2.05 10.45 -7.53
C SER C 137 1.78 11.72 -8.34
N LEU C 138 1.31 11.57 -9.57
CA LEU C 138 1.03 12.73 -10.42
C LEU C 138 -0.07 13.61 -9.80
N ALA C 139 -1.11 12.98 -9.29
CA ALA C 139 -2.21 13.70 -8.64
C ALA C 139 -1.71 14.45 -7.40
N ALA C 140 -0.93 13.75 -6.57
CA ALA C 140 -0.37 14.34 -5.35
C ALA C 140 0.53 15.52 -5.70
N ALA C 141 1.38 15.33 -6.70
CA ALA C 141 2.24 16.41 -7.18
C ALA C 141 1.44 17.65 -7.64
N ALA C 142 0.38 17.42 -8.41
CA ALA C 142 -0.41 18.51 -8.97
C ALA C 142 -1.04 19.31 -7.85
N ASP C 143 -1.48 18.56 -6.86
CA ASP C 143 -2.16 19.10 -5.71
C ASP C 143 -1.24 20.00 -4.89
N ALA C 144 0.01 19.56 -4.72
CA ALA C 144 1.04 20.40 -4.10
C ALA C 144 1.25 21.67 -4.91
N ALA C 145 1.26 21.52 -6.24
CA ALA C 145 1.48 22.65 -7.14
C ALA C 145 0.34 23.65 -7.05
N HIS C 146 -0.89 23.15 -7.00
CA HIS C 146 -2.06 24.01 -7.00
C HIS C 146 -2.13 24.82 -5.70
N ARG C 147 -1.69 24.19 -4.62
CA ARG C 147 -1.65 24.87 -3.34
C ARG C 147 -0.60 25.96 -3.28
N ALA C 148 0.41 25.85 -4.13
CA ALA C 148 1.42 26.88 -4.29
C ALA C 148 0.94 27.88 -5.34
N GLY C 149 -0.28 27.66 -5.84
CA GLY C 149 -0.86 28.54 -6.84
C GLY C 149 -0.15 28.49 -8.17
N VAL C 150 0.12 27.28 -8.66
CA VAL C 150 0.67 27.11 -10.00
C VAL C 150 0.19 25.79 -10.60
N ALA C 151 -0.10 25.79 -11.89
CA ALA C 151 -0.50 24.57 -12.58
C ALA C 151 0.72 23.72 -12.93
N LEU C 152 0.52 22.41 -12.99
CA LEU C 152 1.56 21.51 -13.47
C LEU C 152 1.59 21.50 -14.99
N SER C 153 0.49 21.96 -15.59
CA SER C 153 0.38 22.00 -17.03
C SER C 153 0.56 20.64 -17.70
N ILE C 154 -0.25 19.64 -17.34
CA ILE C 154 -0.06 18.40 -18.05
C ILE C 154 -0.98 18.56 -19.23
N ASP C 155 -0.36 18.99 -20.32
CA ASP C 155 -1.04 19.31 -21.57
C ASP C 155 -0.89 18.31 -22.72
N HIS C 156 -0.15 17.24 -22.49
CA HIS C 156 0.39 16.45 -23.60
C HIS C 156 1.10 15.23 -23.07
N PRO C 157 0.93 14.09 -23.77
CA PRO C 157 1.54 12.82 -23.37
C PRO C 157 3.05 12.96 -23.16
N SER C 158 3.71 13.72 -24.03
CA SER C 158 5.17 13.87 -23.96
C SER C 158 5.68 14.60 -22.71
N ARG C 159 4.80 15.25 -21.98
CA ARG C 159 5.17 15.88 -20.71
C ARG C 159 5.50 14.80 -19.68
N VAL C 160 4.97 13.61 -19.90
CA VAL C 160 4.90 12.60 -18.85
C VAL C 160 5.87 11.43 -19.03
N ARG C 161 6.41 10.96 -17.91
CA ARG C 161 7.25 9.77 -17.88
C ARG C 161 6.82 8.89 -16.71
N VAL C 162 7.20 7.62 -16.76
CA VAL C 162 6.96 6.71 -15.65
C VAL C 162 8.31 6.20 -15.17
N SER C 163 8.63 6.44 -13.91
CA SER C 163 9.91 6.03 -13.36
C SER C 163 10.00 4.52 -13.22
N ILE C 164 11.23 4.02 -13.16
CA ILE C 164 11.48 2.60 -12.91
C ILE C 164 10.79 2.15 -11.62
N ASP C 165 10.53 3.11 -10.74
CA ASP C 165 9.92 2.85 -9.44
C ASP C 165 8.39 2.93 -9.50
N GLY C 166 7.85 3.13 -10.70
CA GLY C 166 6.42 3.06 -10.91
C GLY C 166 5.67 4.33 -10.53
N ASP C 167 6.35 5.47 -10.62
CA ASP C 167 5.70 6.76 -10.40
C ASP C 167 5.51 7.50 -11.71
N VAL C 168 4.26 7.87 -12.00
CA VAL C 168 3.98 8.77 -13.12
C VAL C 168 4.44 10.16 -12.71
N VAL C 169 5.25 10.81 -13.54
CA VAL C 169 5.89 12.07 -13.19
C VAL C 169 5.74 13.09 -14.31
N LEU C 170 5.55 14.37 -13.97
CA LEU C 170 5.68 15.37 -15.02
C LEU C 170 7.17 15.57 -15.20
N ALA C 171 7.66 15.18 -16.37
CA ALA C 171 9.10 15.17 -16.65
C ALA C 171 9.69 16.49 -17.10
N TYR C 172 8.87 17.29 -17.78
CA TYR C 172 9.37 18.51 -18.42
C TYR C 172 8.59 19.74 -17.97
N PRO C 173 8.79 20.16 -16.71
CA PRO C 173 7.98 21.30 -16.25
C PRO C 173 8.29 22.57 -17.02
N ALA C 174 7.27 23.18 -17.61
CA ALA C 174 7.22 24.60 -17.86
C ALA C 174 5.76 25.01 -17.75
N THR C 175 5.44 26.03 -16.97
CA THR C 175 4.03 26.42 -16.87
C THR C 175 3.79 27.76 -17.52
N MET C 176 3.09 27.73 -18.65
CA MET C 176 2.79 28.94 -19.39
C MET C 176 1.54 29.58 -18.80
N PRO C 177 1.40 30.90 -18.98
CA PRO C 177 0.33 31.69 -18.35
C PRO C 177 -1.07 31.13 -18.59
N ASP C 178 -1.28 30.44 -19.72
CA ASP C 178 -2.60 29.97 -20.08
C ASP C 178 -3.01 28.65 -19.40
N ALA C 179 -2.04 27.95 -18.83
CA ALA C 179 -2.33 26.68 -18.17
C ALA C 179 -3.08 26.93 -16.88
N ASN C 180 -4.00 26.02 -16.53
CA ASN C 180 -4.76 26.15 -15.30
C ASN C 180 -4.96 24.82 -14.58
N PRO C 181 -5.15 24.88 -13.25
CA PRO C 181 -5.33 23.73 -12.37
C PRO C 181 -6.35 22.70 -12.87
N GLN C 182 -7.48 23.15 -13.40
CA GLN C 182 -8.53 22.21 -13.79
C GLN C 182 -8.11 21.35 -14.98
N ASP C 183 -7.32 21.90 -15.88
CA ASP C 183 -6.84 21.15 -17.03
C ASP C 183 -5.80 20.11 -16.62
N ASP C 184 -5.18 20.30 -15.46
CA ASP C 184 -4.30 19.28 -14.90
C ASP C 184 -5.11 18.06 -14.51
N ILE C 185 -6.26 18.28 -13.89
CA ILE C 185 -7.15 17.18 -13.52
C ILE C 185 -7.50 16.35 -14.74
N ARG C 186 -7.78 17.02 -15.86
CA ARG C 186 -8.10 16.33 -17.11
C ARG C 186 -6.86 15.64 -17.68
N GLY C 187 -5.71 16.28 -17.54
CA GLY C 187 -4.46 15.73 -18.02
C GLY C 187 -4.12 14.44 -17.31
N ILE C 188 -4.34 14.41 -16.00
CA ILE C 188 -4.07 13.23 -15.18
C ILE C 188 -4.98 12.07 -15.59
N GLY C 189 -6.26 12.35 -15.78
CA GLY C 189 -7.21 11.35 -16.23
C GLY C 189 -6.81 10.82 -17.60
N ALA C 190 -6.39 11.74 -18.47
CA ALA C 190 -5.94 11.36 -19.81
C ALA C 190 -4.77 10.40 -19.73
N SER C 191 -3.84 10.68 -18.82
CA SER C 191 -2.68 9.83 -18.63
C SER C 191 -3.09 8.46 -18.09
N LEU C 192 -4.01 8.46 -17.14
CA LEU C 192 -4.56 7.21 -16.62
C LEU C 192 -5.20 6.42 -17.76
N TYR C 193 -5.97 7.12 -18.58
CA TYR C 193 -6.63 6.53 -19.74
C TYR C 193 -5.59 5.87 -20.66
N ALA C 194 -4.51 6.60 -20.92
CA ALA C 194 -3.44 6.13 -21.78
C ALA C 194 -2.86 4.81 -21.29
N LEU C 195 -2.67 4.68 -19.98
CA LEU C 195 -2.10 3.47 -19.41
C LEU C 195 -3.08 2.30 -19.46
N LEU C 196 -4.35 2.57 -19.16
CA LEU C 196 -5.37 1.53 -19.22
C LEU C 196 -5.59 1.06 -20.66
N VAL C 197 -5.94 2.00 -21.52
CA VAL C 197 -6.37 1.71 -22.90
C VAL C 197 -5.30 1.85 -24.01
N ASN C 198 -4.11 2.35 -23.68
CA ASN C 198 -3.13 2.71 -24.71
C ASN C 198 -3.64 3.71 -25.76
N ARG C 199 -4.49 4.66 -25.34
CA ARG C 199 -5.00 5.71 -26.22
C ARG C 199 -5.09 7.05 -25.46
N TRP C 200 -4.92 8.15 -26.19
CA TRP C 200 -4.98 9.49 -25.58
C TRP C 200 -6.30 10.19 -25.88
N PRO C 201 -7.10 10.41 -24.82
CA PRO C 201 -8.47 10.93 -24.78
C PRO C 201 -8.65 12.40 -25.16
N LEU C 202 -7.56 13.18 -25.19
CA LEU C 202 -7.68 14.63 -25.37
C LEU C 202 -7.04 15.12 -26.67
N PRO C 203 -7.48 16.29 -27.16
CA PRO C 203 -6.92 16.87 -28.39
C PRO C 203 -5.41 17.09 -28.24
N GLU C 204 -4.64 16.62 -29.22
CA GLU C 204 -3.19 16.60 -29.09
C GLU C 204 -2.51 17.57 -30.06
N ALA C 205 -1.62 18.40 -29.52
CA ALA C 205 -0.91 19.41 -30.30
C ALA C 205 0.55 19.03 -30.58
N GLY C 206 1.26 19.94 -31.22
CA GLY C 206 2.69 19.80 -31.45
C GLY C 206 3.11 18.48 -32.08
N VAL C 207 4.26 17.96 -31.64
CA VAL C 207 4.78 16.71 -32.16
C VAL C 207 3.93 15.53 -31.69
N ARG C 208 3.66 14.60 -32.60
CA ARG C 208 2.86 13.42 -32.27
C ARG C 208 3.51 12.59 -31.18
N SER C 209 2.71 12.19 -30.20
CA SER C 209 3.20 11.46 -29.03
C SER C 209 3.43 9.98 -29.31
N GLY C 210 2.71 9.43 -30.27
CA GLY C 210 2.77 8.01 -30.56
C GLY C 210 1.53 7.34 -30.01
N LEU C 211 0.78 8.09 -29.22
CA LEU C 211 -0.51 7.62 -28.72
C LEU C 211 -1.61 7.92 -29.73
N ALA C 212 -2.26 6.88 -30.22
CA ALA C 212 -3.40 7.05 -31.11
C ALA C 212 -4.55 7.63 -30.31
N PRO C 213 -5.32 8.55 -30.93
CA PRO C 213 -6.44 9.17 -30.23
C PRO C 213 -7.44 8.10 -29.77
N ALA C 214 -8.12 8.35 -28.66
CA ALA C 214 -9.09 7.40 -28.14
C ALA C 214 -10.30 7.31 -29.05
N GLU C 215 -11.04 6.21 -28.94
CA GLU C 215 -12.29 6.04 -29.67
C GLU C 215 -13.38 6.85 -28.98
N ARG C 216 -14.16 7.57 -29.77
CA ARG C 216 -15.21 8.43 -29.23
C ARG C 216 -16.60 7.89 -29.59
N ASP C 217 -17.56 8.11 -28.69
CA ASP C 217 -18.93 7.69 -28.92
C ASP C 217 -19.69 8.69 -29.79
N THR C 218 -21.00 8.49 -29.90
CA THR C 218 -21.86 9.35 -30.69
C THR C 218 -21.77 10.83 -30.29
N ALA C 219 -21.63 11.08 -29.00
CA ALA C 219 -21.59 12.45 -28.49
C ALA C 219 -20.20 13.07 -28.60
N GLY C 220 -19.23 12.28 -29.05
CA GLY C 220 -17.86 12.73 -29.18
C GLY C 220 -17.09 12.61 -27.88
N GLN C 221 -17.66 11.90 -26.92
CA GLN C 221 -16.97 11.64 -25.66
C GLN C 221 -16.17 10.34 -25.74
N PRO C 222 -14.95 10.34 -25.18
CA PRO C 222 -14.13 9.14 -25.21
C PRO C 222 -14.84 7.96 -24.54
N ILE C 223 -14.87 6.82 -25.23
CA ILE C 223 -15.48 5.62 -24.70
C ILE C 223 -14.74 5.15 -23.44
N GLU C 224 -15.49 4.83 -22.40
CA GLU C 224 -14.89 4.45 -21.13
C GLU C 224 -13.94 3.27 -21.28
N PRO C 225 -12.87 3.27 -20.47
CA PRO C 225 -11.83 2.24 -20.47
C PRO C 225 -12.38 0.81 -20.36
N ALA C 226 -13.38 0.60 -19.50
CA ALA C 226 -13.94 -0.74 -19.30
C ALA C 226 -14.74 -1.21 -20.52
N ASP C 227 -15.41 -0.26 -21.18
CA ASP C 227 -16.16 -0.57 -22.38
C ASP C 227 -15.24 -0.96 -23.53
N ILE C 228 -13.94 -0.72 -23.33
CA ILE C 228 -12.93 -1.12 -24.31
C ILE C 228 -12.34 -2.47 -23.91
N ASP C 229 -11.67 -2.53 -22.76
CA ASP C 229 -11.24 -3.79 -22.18
C ASP C 229 -11.96 -4.03 -20.85
N ARG C 230 -12.80 -5.06 -20.82
CA ARG C 230 -13.70 -5.29 -19.67
C ARG C 230 -13.00 -5.82 -18.43
N ASP C 231 -11.75 -6.23 -18.58
CA ASP C 231 -11.00 -6.78 -17.45
C ASP C 231 -10.63 -5.69 -16.44
N ILE C 232 -10.86 -4.44 -16.82
CA ILE C 232 -10.47 -3.34 -15.97
C ILE C 232 -11.62 -2.94 -15.04
N PRO C 233 -11.33 -2.99 -13.72
CA PRO C 233 -12.29 -2.84 -12.62
C PRO C 233 -13.12 -1.58 -12.76
N PHE C 234 -14.33 -1.58 -12.22
CA PHE C 234 -15.30 -0.55 -12.56
C PHE C 234 -15.02 0.84 -11.98
N GLN C 235 -14.37 0.92 -10.82
CA GLN C 235 -13.99 2.21 -10.28
C GLN C 235 -12.77 2.77 -11.01
N ILE C 236 -11.81 1.91 -11.30
CA ILE C 236 -10.61 2.31 -12.02
C ILE C 236 -10.98 2.95 -13.37
N SER C 237 -11.98 2.38 -14.03
CA SER C 237 -12.48 2.95 -15.27
C SER C 237 -13.18 4.29 -15.01
N ALA C 238 -14.05 4.29 -14.00
CA ALA C 238 -14.84 5.48 -13.67
C ALA C 238 -13.96 6.69 -13.32
N VAL C 239 -12.93 6.45 -12.51
CA VAL C 239 -11.98 7.50 -12.14
C VAL C 239 -11.41 8.16 -13.40
N ALA C 240 -11.03 7.35 -14.37
CA ALA C 240 -10.48 7.86 -15.62
C ALA C 240 -11.50 8.73 -16.36
N ALA C 241 -12.71 8.21 -16.53
CA ALA C 241 -13.75 8.90 -17.30
C ALA C 241 -14.18 10.23 -16.67
N ARG C 242 -14.58 10.20 -15.40
CA ARG C 242 -15.00 11.40 -14.70
C ARG C 242 -13.90 12.46 -14.69
N SER C 243 -12.65 11.99 -14.73
CA SER C 243 -11.48 12.87 -14.67
C SER C 243 -11.23 13.55 -16.02
N VAL C 244 -11.35 12.79 -17.10
CA VAL C 244 -11.10 13.31 -18.44
C VAL C 244 -12.19 14.29 -18.89
N GLN C 245 -13.43 13.99 -18.52
CA GLN C 245 -14.56 14.82 -18.90
C GLN C 245 -14.42 16.23 -18.33
N GLY C 246 -14.79 17.22 -19.12
CA GLY C 246 -14.71 18.61 -18.70
C GLY C 246 -15.70 18.95 -17.60
N ASP C 247 -16.88 18.36 -17.69
CA ASP C 247 -17.93 18.56 -16.69
C ASP C 247 -17.91 17.47 -15.62
N GLY C 248 -16.91 16.59 -15.68
CA GLY C 248 -16.90 15.36 -14.90
C GLY C 248 -17.20 15.54 -13.42
N GLY C 249 -16.79 16.67 -12.85
CA GLY C 249 -17.17 16.98 -11.48
C GLY C 249 -16.09 16.79 -10.43
N ILE C 250 -14.88 16.38 -10.84
CA ILE C 250 -13.79 16.31 -9.87
C ILE C 250 -13.03 17.62 -9.95
N ARG C 251 -13.18 18.42 -8.91
CA ARG C 251 -12.71 19.80 -8.92
C ARG C 251 -11.37 20.07 -8.23
N SER C 252 -10.76 19.06 -7.64
CA SER C 252 -9.46 19.25 -7.00
C SER C 252 -8.54 18.04 -7.16
N ALA C 253 -7.25 18.29 -7.20
CA ALA C 253 -6.25 17.24 -7.31
C ALA C 253 -6.28 16.35 -6.05
N SER C 254 -6.51 16.98 -4.90
CA SER C 254 -6.59 16.25 -3.65
C SER C 254 -7.75 15.24 -3.69
N THR C 255 -8.88 15.69 -4.20
CA THR C 255 -10.05 14.84 -4.35
C THR C 255 -9.78 13.71 -5.33
N LEU C 256 -9.09 14.03 -6.42
CA LEU C 256 -8.76 13.04 -7.44
C LEU C 256 -7.87 11.92 -6.89
N LEU C 257 -6.85 12.30 -6.12
CA LEU C 257 -5.96 11.32 -5.53
C LEU C 257 -6.73 10.39 -4.59
N ASN C 258 -7.56 10.97 -3.74
CA ASN C 258 -8.39 10.17 -2.84
C ASN C 258 -9.28 9.20 -3.60
N LEU C 259 -9.93 9.69 -4.66
CA LEU C 259 -10.75 8.81 -5.50
C LEU C 259 -9.91 7.68 -6.07
N MET C 260 -8.71 8.00 -6.53
CA MET C 260 -7.79 7.01 -7.06
C MET C 260 -7.47 5.94 -6.01
N GLN C 261 -7.13 6.40 -4.80
CA GLN C 261 -6.78 5.50 -3.71
C GLN C 261 -7.96 4.62 -3.30
N GLN C 262 -9.17 5.20 -3.34
CA GLN C 262 -10.38 4.45 -2.99
C GLN C 262 -10.70 3.40 -4.04
N ALA C 263 -10.28 3.63 -5.28
CA ALA C 263 -10.47 2.67 -6.36
C ALA C 263 -9.43 1.56 -6.31
N THR C 264 -8.22 1.91 -5.88
CA THR C 264 -7.14 0.95 -5.76
C THR C 264 -7.41 -0.03 -4.63
N ALA C 265 -7.97 0.50 -3.53
CA ALA C 265 -8.28 -0.32 -2.36
C ALA C 265 -9.18 -1.50 -2.71
N VAL C 266 -10.13 -1.27 -3.61
CA VAL C 266 -11.04 -2.33 -4.03
C VAL C 266 -10.30 -3.40 -4.82
N ASP D 19 -35.72 -26.64 29.48
CA ASP D 19 -35.27 -25.59 28.56
C ASP D 19 -34.04 -24.86 29.14
N VAL D 20 -32.97 -24.82 28.35
CA VAL D 20 -31.72 -24.20 28.77
C VAL D 20 -31.87 -22.72 29.07
N GLN D 21 -31.34 -22.31 30.22
CA GLN D 21 -31.30 -20.89 30.56
C GLN D 21 -30.02 -20.27 29.99
N LEU D 22 -30.15 -19.09 29.38
CA LEU D 22 -29.03 -18.55 28.65
C LEU D 22 -28.24 -17.70 29.63
N VAL D 23 -27.08 -18.22 29.98
CA VAL D 23 -26.18 -17.58 30.92
C VAL D 23 -24.77 -17.93 30.48
N PRO D 24 -23.80 -17.07 30.79
CA PRO D 24 -22.43 -17.40 30.42
C PRO D 24 -22.06 -18.82 30.89
N GLY D 25 -21.35 -19.55 30.06
CA GLY D 25 -20.90 -20.90 30.40
C GLY D 25 -21.84 -22.01 29.99
N ALA D 26 -23.11 -21.67 29.78
CA ALA D 26 -24.10 -22.65 29.38
C ALA D 26 -23.82 -23.25 27.99
N ARG D 27 -24.24 -24.49 27.79
CA ARG D 27 -24.14 -25.12 26.48
C ARG D 27 -25.51 -25.30 25.88
N ILE D 28 -25.67 -24.85 24.65
CA ILE D 28 -26.97 -24.80 23.99
C ILE D 28 -26.90 -25.42 22.61
N ALA D 29 -28.05 -25.67 22.00
CA ALA D 29 -28.12 -26.38 20.73
C ALA D 29 -27.49 -27.76 20.88
N ASN D 30 -27.91 -28.49 21.90
CA ASN D 30 -27.37 -29.81 22.20
C ASN D 30 -25.88 -29.74 22.49
N GLY D 31 -25.46 -28.68 23.17
CA GLY D 31 -24.07 -28.53 23.58
C GLY D 31 -23.10 -28.21 22.45
N ARG D 32 -23.63 -27.74 21.32
CA ARG D 32 -22.78 -27.40 20.19
C ARG D 32 -22.15 -26.01 20.36
N TYR D 33 -22.76 -25.18 21.20
CA TYR D 33 -22.22 -23.84 21.45
C TYR D 33 -22.19 -23.52 22.94
N ARG D 34 -21.08 -22.96 23.40
CA ARG D 34 -20.95 -22.53 24.79
C ARG D 34 -20.99 -21.00 24.87
N LEU D 35 -22.01 -20.47 25.54
CA LEU D 35 -22.17 -19.03 25.68
C LEU D 35 -21.00 -18.40 26.43
N LEU D 36 -20.52 -17.27 25.94
CA LEU D 36 -19.43 -16.55 26.60
C LEU D 36 -19.89 -15.22 27.19
N ILE D 37 -20.33 -14.30 26.33
CA ILE D 37 -20.70 -12.97 26.77
C ILE D 37 -22.00 -12.49 26.13
N PHE D 38 -22.91 -11.94 26.94
CA PHE D 38 -24.17 -11.41 26.44
C PHE D 38 -23.98 -10.00 25.90
N HIS D 39 -24.30 -9.82 24.62
CA HIS D 39 -24.17 -8.52 23.97
C HIS D 39 -25.44 -7.67 23.82
N GLY D 40 -26.55 -8.15 24.37
CA GLY D 40 -27.78 -7.37 24.34
C GLY D 40 -28.69 -7.63 23.17
N GLY D 41 -29.41 -6.59 22.75
CA GLY D 41 -30.42 -6.72 21.71
C GLY D 41 -31.84 -6.59 22.23
N VAL D 42 -32.78 -6.43 21.30
CA VAL D 42 -34.17 -6.20 21.63
C VAL D 42 -35.01 -7.44 21.36
N PRO D 43 -35.77 -7.91 22.36
CA PRO D 43 -36.65 -9.05 22.13
C PRO D 43 -37.44 -8.82 20.85
N PRO D 44 -37.66 -9.87 20.05
CA PRO D 44 -37.35 -11.30 20.26
C PRO D 44 -35.85 -11.67 20.29
N LEU D 45 -34.97 -10.77 19.87
CA LEU D 45 -33.56 -11.10 19.66
C LEU D 45 -32.64 -11.02 20.87
N GLN D 46 -31.68 -11.95 20.93
CA GLN D 46 -30.58 -11.88 21.88
C GLN D 46 -29.23 -12.07 21.18
N PHE D 47 -28.29 -11.18 21.46
CA PHE D 47 -26.97 -11.23 20.82
C PHE D 47 -25.93 -11.79 21.77
N TRP D 48 -25.25 -12.86 21.35
CA TRP D 48 -24.25 -13.49 22.20
C TRP D 48 -22.93 -13.75 21.49
N GLN D 49 -21.86 -13.64 22.26
CA GLN D 49 -20.56 -14.14 21.85
C GLN D 49 -20.45 -15.53 22.45
N ALA D 50 -20.09 -16.51 21.63
CA ALA D 50 -20.06 -17.89 22.11
C ALA D 50 -18.90 -18.70 21.52
N LEU D 51 -18.80 -19.96 21.94
CA LEU D 51 -17.74 -20.83 21.48
C LEU D 51 -18.31 -22.08 20.81
N ASP D 52 -17.87 -22.35 19.58
CA ASP D 52 -18.27 -23.55 18.89
C ASP D 52 -17.47 -24.70 19.51
N THR D 53 -18.17 -25.68 20.06
CA THR D 53 -17.50 -26.73 20.82
C THR D 53 -16.91 -27.82 19.94
N ALA D 54 -17.41 -27.94 18.71
CA ALA D 54 -16.86 -28.90 17.76
C ALA D 54 -15.60 -28.35 17.09
N LEU D 55 -15.64 -27.08 16.70
CA LEU D 55 -14.54 -26.45 15.98
C LEU D 55 -13.59 -25.65 16.88
N ASP D 56 -13.93 -25.55 18.17
CA ASP D 56 -13.16 -24.73 19.12
C ASP D 56 -12.80 -23.34 18.60
N ARG D 57 -13.79 -22.63 18.09
CA ARG D 57 -13.60 -21.23 17.67
C ARG D 57 -14.81 -20.40 18.09
N GLN D 58 -14.62 -19.10 18.20
CA GLN D 58 -15.72 -18.22 18.60
C GLN D 58 -16.68 -17.95 17.47
N VAL D 59 -17.94 -17.71 17.82
CA VAL D 59 -18.98 -17.35 16.86
C VAL D 59 -19.91 -16.30 17.47
N ALA D 60 -20.58 -15.54 16.62
CA ALA D 60 -21.65 -14.65 17.06
C ALA D 60 -22.97 -15.39 16.97
N LEU D 61 -23.76 -15.35 18.04
CA LEU D 61 -25.06 -16.00 18.03
C LEU D 61 -26.19 -14.98 18.10
N THR D 62 -27.14 -15.10 17.18
CA THR D 62 -28.39 -14.36 17.33
C THR D 62 -29.50 -15.33 17.65
N PHE D 63 -29.99 -15.29 18.88
CA PHE D 63 -31.12 -16.10 19.29
C PHE D 63 -32.40 -15.43 18.82
N VAL D 64 -33.21 -16.17 18.08
CA VAL D 64 -34.51 -15.65 17.66
C VAL D 64 -35.60 -16.25 18.52
N ASP D 65 -36.18 -15.41 19.39
CA ASP D 65 -37.26 -15.84 20.27
C ASP D 65 -36.95 -17.12 21.04
N PRO D 66 -35.99 -17.03 21.99
CA PRO D 66 -35.61 -18.19 22.80
C PRO D 66 -36.73 -18.64 23.73
N GLN D 67 -37.49 -17.69 24.26
CA GLN D 67 -38.62 -18.02 25.13
C GLN D 67 -39.78 -18.60 24.33
N GLY D 68 -39.76 -18.36 23.03
CA GLY D 68 -40.77 -18.92 22.15
C GLY D 68 -42.12 -18.25 22.31
N VAL D 69 -42.10 -16.94 22.56
CA VAL D 69 -43.33 -16.17 22.74
C VAL D 69 -43.92 -15.70 21.41
N LEU D 70 -43.18 -15.88 20.32
CA LEU D 70 -43.64 -15.45 19.00
C LEU D 70 -44.52 -16.51 18.34
N PRO D 71 -45.42 -16.08 17.45
CA PRO D 71 -46.16 -17.01 16.59
C PRO D 71 -45.17 -17.72 15.67
N ASP D 72 -45.31 -19.03 15.54
CA ASP D 72 -44.38 -19.82 14.72
C ASP D 72 -44.22 -19.24 13.32
N ASP D 73 -45.30 -18.73 12.75
CA ASP D 73 -45.21 -18.08 11.45
CA ASP D 73 -45.24 -18.07 11.47
C ASP D 73 -44.16 -17.00 11.52
N VAL D 74 -44.24 -16.16 12.55
CA VAL D 74 -43.27 -15.07 12.74
C VAL D 74 -41.84 -15.57 12.92
N LEU D 75 -41.67 -16.64 13.70
CA LEU D 75 -40.36 -17.24 13.85
C LEU D 75 -39.89 -17.76 12.51
N GLN D 76 -40.76 -18.50 11.83
CA GLN D 76 -40.43 -19.11 10.54
C GLN D 76 -39.88 -18.13 9.51
N GLU D 77 -40.62 -17.07 9.25
CA GLU D 77 -40.24 -16.18 8.16
C GLU D 77 -38.97 -15.40 8.50
N THR D 78 -38.74 -15.16 9.78
CA THR D 78 -37.51 -14.49 10.21
C THR D 78 -36.30 -15.31 9.78
N LEU D 79 -36.35 -16.62 9.99
CA LEU D 79 -35.25 -17.50 9.63
C LEU D 79 -35.08 -17.57 8.12
N SER D 80 -36.20 -17.60 7.40
CA SER D 80 -36.18 -17.69 5.95
C SER D 80 -35.50 -16.45 5.35
N ARG D 81 -35.89 -15.28 5.84
CA ARG D 81 -35.31 -14.02 5.37
C ARG D 81 -33.82 -13.96 5.62
N THR D 82 -33.40 -14.33 6.82
CA THR D 82 -32.00 -14.29 7.19
C THR D 82 -31.16 -15.19 6.28
N LEU D 83 -31.70 -16.37 5.95
CA LEU D 83 -31.06 -17.25 4.98
C LEU D 83 -30.76 -16.50 3.69
N ARG D 84 -31.74 -15.73 3.22
CA ARG D 84 -31.57 -14.92 2.01
C ARG D 84 -30.37 -13.98 2.14
N LEU D 85 -30.26 -13.35 3.31
CA LEU D 85 -29.20 -12.37 3.54
C LEU D 85 -27.82 -12.97 3.38
N SER D 86 -27.64 -14.19 3.89
CA SER D 86 -26.34 -14.84 3.92
C SER D 86 -25.73 -15.04 2.54
N ARG D 87 -26.56 -15.25 1.53
CA ARG D 87 -26.06 -15.51 0.18
C ARG D 87 -25.19 -14.35 -0.30
N ILE D 88 -25.34 -13.20 0.35
CA ILE D 88 -24.43 -12.08 0.15
C ILE D 88 -23.07 -12.46 0.72
N ASP D 89 -21.99 -12.14 0.01
CA ASP D 89 -20.68 -12.22 0.63
C ASP D 89 -20.08 -10.82 0.58
N LYS D 90 -20.04 -10.16 1.74
CA LYS D 90 -19.52 -8.80 1.86
C LYS D 90 -18.89 -8.58 3.24
N PRO D 91 -17.86 -7.72 3.31
CA PRO D 91 -17.23 -7.41 4.59
C PRO D 91 -18.20 -6.78 5.58
N GLY D 92 -19.23 -6.11 5.08
CA GLY D 92 -20.19 -5.40 5.93
C GLY D 92 -21.15 -6.30 6.69
N VAL D 93 -21.21 -7.57 6.32
CA VAL D 93 -22.07 -8.52 7.01
C VAL D 93 -21.28 -9.76 7.40
N ALA D 94 -21.32 -10.12 8.67
CA ALA D 94 -20.67 -11.34 9.13
C ALA D 94 -21.25 -12.51 8.39
N ARG D 95 -20.38 -13.44 7.98
CA ARG D 95 -20.79 -14.63 7.25
C ARG D 95 -21.65 -15.52 8.15
N VAL D 96 -22.78 -15.98 7.62
CA VAL D 96 -23.63 -16.91 8.34
C VAL D 96 -23.10 -18.33 8.22
N LEU D 97 -22.77 -18.93 9.37
CA LEU D 97 -22.28 -20.29 9.43
C LEU D 97 -23.41 -21.30 9.38
N ASP D 98 -24.47 -21.00 10.13
CA ASP D 98 -25.57 -21.94 10.23
C ASP D 98 -26.85 -21.21 10.62
N VAL D 99 -27.98 -21.85 10.33
CA VAL D 99 -29.26 -21.38 10.82
C VAL D 99 -30.05 -22.58 11.32
N VAL D 100 -30.40 -22.58 12.61
CA VAL D 100 -31.00 -23.77 13.20
C VAL D 100 -32.22 -23.48 14.06
N HIS D 101 -33.13 -24.44 14.09
CA HIS D 101 -34.21 -24.40 15.06
C HIS D 101 -33.71 -24.93 16.40
N THR D 102 -34.25 -24.36 17.48
CA THR D 102 -34.03 -24.87 18.81
C THR D 102 -35.40 -25.40 19.18
N ARG D 103 -35.58 -25.97 20.37
CA ARG D 103 -36.89 -26.51 20.69
C ARG D 103 -37.92 -25.40 20.60
N ALA D 104 -37.50 -24.22 21.05
CA ALA D 104 -38.39 -23.06 21.19
C ALA D 104 -38.30 -22.06 20.04
N GLY D 105 -37.11 -21.48 19.93
CA GLY D 105 -36.82 -20.39 19.01
C GLY D 105 -36.17 -20.80 17.72
N GLY D 106 -35.25 -19.95 17.27
CA GLY D 106 -34.39 -20.27 16.16
C GLY D 106 -33.06 -19.62 16.47
N LEU D 107 -32.01 -20.03 15.77
CA LEU D 107 -30.66 -19.58 16.10
C LEU D 107 -29.89 -19.29 14.83
N VAL D 108 -29.22 -18.15 14.81
CA VAL D 108 -28.39 -17.79 13.66
C VAL D 108 -26.93 -17.72 14.09
N VAL D 109 -26.12 -18.56 13.47
CA VAL D 109 -24.70 -18.65 13.83
C VAL D 109 -23.86 -17.96 12.76
N ALA D 110 -23.07 -16.98 13.18
CA ALA D 110 -22.23 -16.23 12.26
C ALA D 110 -20.79 -16.23 12.75
N GLU D 111 -19.85 -15.93 11.86
CA GLU D 111 -18.45 -15.81 12.25
C GLU D 111 -18.30 -14.74 13.29
N TRP D 112 -17.31 -14.89 14.14
CA TRP D 112 -17.03 -13.87 15.12
C TRP D 112 -16.09 -12.82 14.55
N ILE D 113 -16.47 -11.56 14.68
CA ILE D 113 -15.67 -10.46 14.16
C ILE D 113 -14.76 -9.90 15.26
N ARG D 114 -13.46 -10.07 15.08
CA ARG D 114 -12.48 -9.52 16.02
C ARG D 114 -12.44 -8.01 15.88
N GLY D 115 -12.52 -7.31 17.01
CA GLY D 115 -12.84 -5.90 16.98
C GLY D 115 -13.49 -5.52 18.29
N GLY D 116 -14.35 -4.51 18.24
CA GLY D 116 -15.14 -4.15 19.40
C GLY D 116 -16.50 -3.67 18.93
N SER D 117 -17.41 -3.51 19.87
CA SER D 117 -18.77 -3.12 19.56
C SER D 117 -18.78 -1.70 19.02
N LEU D 118 -19.85 -1.34 18.32
CA LEU D 118 -20.00 0.04 17.85
C LEU D 118 -19.87 1.00 19.04
N GLN D 119 -20.44 0.61 20.17
CA GLN D 119 -20.43 1.43 21.37
C GLN D 119 -19.02 1.60 21.91
N GLU D 120 -18.24 0.52 21.89
CA GLU D 120 -16.87 0.55 22.40
C GLU D 120 -15.99 1.47 21.54
N VAL D 121 -16.11 1.36 20.23
CA VAL D 121 -15.33 2.18 19.32
C VAL D 121 -15.78 3.64 19.41
N ALA D 122 -17.10 3.84 19.40
CA ALA D 122 -17.67 5.18 19.54
C ALA D 122 -17.11 5.86 20.79
N ASP D 123 -16.92 5.07 21.84
CA ASP D 123 -16.48 5.61 23.12
C ASP D 123 -15.02 6.08 23.11
N THR D 124 -14.26 5.68 22.09
CA THR D 124 -12.86 6.09 21.96
C THR D 124 -12.67 7.35 21.11
N SER D 125 -13.77 7.92 20.64
CA SER D 125 -13.73 9.14 19.83
C SER D 125 -12.79 9.05 18.64
N PRO D 126 -13.17 8.25 17.62
CA PRO D 126 -12.39 8.07 16.40
C PRO D 126 -12.41 9.32 15.51
N SER D 127 -11.41 9.45 14.65
CA SER D 127 -11.39 10.54 13.68
C SER D 127 -12.59 10.43 12.74
N PRO D 128 -13.17 11.57 12.36
CA PRO D 128 -14.36 11.59 11.50
C PRO D 128 -14.12 10.90 10.17
N VAL D 129 -12.96 11.15 9.56
CA VAL D 129 -12.66 10.57 8.26
C VAL D 129 -12.48 9.05 8.35
N GLY D 130 -11.84 8.59 9.42
CA GLY D 130 -11.74 7.17 9.68
C GLY D 130 -13.12 6.58 9.86
N ALA D 131 -13.98 7.32 10.55
CA ALA D 131 -15.35 6.86 10.83
C ALA D 131 -16.13 6.61 9.55
N ILE D 132 -16.24 7.65 8.71
CA ILE D 132 -16.99 7.53 7.46
C ILE D 132 -16.38 6.44 6.57
N ARG D 133 -15.05 6.41 6.52
CA ARG D 133 -14.36 5.41 5.72
C ARG D 133 -14.78 4.00 6.13
N ALA D 134 -14.72 3.74 7.43
CA ALA D 134 -15.09 2.44 7.99
C ALA D 134 -16.56 2.11 7.72
N MET D 135 -17.41 3.13 7.66
CA MET D 135 -18.85 2.91 7.49
C MET D 135 -19.19 2.34 6.13
N GLN D 136 -18.33 2.60 5.14
CA GLN D 136 -18.64 2.25 3.76
C GLN D 136 -19.00 0.79 3.56
N SER D 137 -18.33 -0.10 4.27
CA SER D 137 -18.55 -1.54 4.11
C SER D 137 -19.98 -1.92 4.46
N LEU D 138 -20.52 -1.29 5.50
CA LEU D 138 -21.88 -1.56 5.93
C LEU D 138 -22.89 -1.07 4.90
N ALA D 139 -22.60 0.10 4.32
CA ALA D 139 -23.43 0.67 3.27
C ALA D 139 -23.41 -0.21 2.03
N ALA D 140 -22.22 -0.61 1.62
CA ALA D 140 -22.05 -1.50 0.47
C ALA D 140 -22.85 -2.79 0.68
N ALA D 141 -22.71 -3.36 1.88
CA ALA D 141 -23.43 -4.58 2.20
C ALA D 141 -24.94 -4.36 2.18
N ALA D 142 -25.37 -3.19 2.63
CA ALA D 142 -26.79 -2.85 2.60
C ALA D 142 -27.28 -2.70 1.16
N ASP D 143 -26.44 -2.10 0.33
CA ASP D 143 -26.74 -1.92 -1.08
C ASP D 143 -26.98 -3.27 -1.76
N ALA D 144 -26.03 -4.19 -1.62
CA ALA D 144 -26.14 -5.51 -2.22
C ALA D 144 -27.35 -6.28 -1.69
N ALA D 145 -27.52 -6.29 -0.37
CA ALA D 145 -28.60 -7.01 0.26
C ALA D 145 -29.97 -6.49 -0.17
N HIS D 146 -30.04 -5.19 -0.43
CA HIS D 146 -31.29 -4.56 -0.87
C HIS D 146 -31.67 -5.00 -2.28
N ARG D 147 -30.70 -4.99 -3.19
CA ARG D 147 -30.92 -5.45 -4.56
C ARG D 147 -31.29 -6.94 -4.57
N ALA D 148 -30.80 -7.66 -3.56
CA ALA D 148 -31.10 -9.08 -3.43
C ALA D 148 -32.43 -9.26 -2.71
N GLY D 149 -33.06 -8.14 -2.38
CA GLY D 149 -34.40 -8.14 -1.81
C GLY D 149 -34.51 -8.54 -0.36
N VAL D 150 -33.56 -8.09 0.47
CA VAL D 150 -33.62 -8.34 1.90
C VAL D 150 -32.93 -7.23 2.69
N ALA D 151 -33.42 -6.97 3.90
CA ALA D 151 -32.85 -5.94 4.77
C ALA D 151 -31.73 -6.48 5.68
N LEU D 152 -30.72 -5.66 5.91
CA LEU D 152 -29.72 -5.93 6.94
C LEU D 152 -30.38 -5.82 8.31
N SER D 153 -31.40 -4.97 8.36
CA SER D 153 -32.10 -4.69 9.60
C SER D 153 -31.17 -4.13 10.66
N ILE D 154 -30.63 -2.94 10.45
CA ILE D 154 -29.82 -2.41 11.53
C ILE D 154 -30.83 -1.62 12.34
N ASP D 155 -31.32 -2.27 13.39
CA ASP D 155 -32.34 -1.71 14.27
C ASP D 155 -31.86 -1.22 15.64
N HIS D 156 -30.55 -1.32 15.88
CA HIS D 156 -30.07 -1.24 17.25
C HIS D 156 -28.55 -1.29 17.27
N PRO D 157 -27.93 -0.46 18.12
CA PRO D 157 -26.48 -0.29 18.19
C PRO D 157 -25.73 -1.60 18.38
N SER D 158 -26.33 -2.52 19.14
CA SER D 158 -25.68 -3.80 19.44
C SER D 158 -25.59 -4.73 18.25
N ARG D 159 -26.30 -4.41 17.16
CA ARG D 159 -26.22 -5.19 15.93
C ARG D 159 -24.82 -5.07 15.34
N VAL D 160 -24.17 -3.95 15.63
CA VAL D 160 -23.00 -3.52 14.88
C VAL D 160 -21.69 -3.67 15.64
N ARG D 161 -20.63 -4.04 14.93
CA ARG D 161 -19.29 -4.10 15.48
C ARG D 161 -18.31 -3.48 14.49
N VAL D 162 -17.10 -3.19 14.96
CA VAL D 162 -16.05 -2.65 14.10
C VAL D 162 -14.83 -3.57 14.13
N SER D 163 -14.49 -4.15 12.99
CA SER D 163 -13.40 -5.11 12.90
C SER D 163 -12.06 -4.44 13.16
N ILE D 164 -11.07 -5.26 13.51
CA ILE D 164 -9.69 -4.80 13.66
C ILE D 164 -9.14 -4.29 12.33
N ASP D 165 -9.76 -4.70 11.23
CA ASP D 165 -9.35 -4.28 9.90
C ASP D 165 -9.99 -2.95 9.48
N GLY D 166 -10.80 -2.38 10.37
CA GLY D 166 -11.42 -1.08 10.12
C GLY D 166 -12.70 -1.08 9.29
N ASP D 167 -13.47 -2.16 9.40
CA ASP D 167 -14.78 -2.21 8.75
C ASP D 167 -15.91 -2.25 9.76
N VAL D 168 -16.98 -1.51 9.48
CA VAL D 168 -18.19 -1.61 10.29
C VAL D 168 -19.04 -2.74 9.72
N VAL D 169 -19.46 -3.65 10.59
CA VAL D 169 -20.05 -4.91 10.13
C VAL D 169 -21.34 -5.23 10.86
N LEU D 170 -22.30 -5.84 10.18
CA LEU D 170 -23.45 -6.32 10.91
C LEU D 170 -22.97 -7.63 11.52
N ALA D 171 -22.88 -7.65 12.85
CA ALA D 171 -22.31 -8.78 13.57
C ALA D 171 -23.29 -9.90 13.88
N TYR D 172 -24.57 -9.55 13.90
CA TYR D 172 -25.60 -10.46 14.41
C TYR D 172 -26.79 -10.47 13.47
N PRO D 173 -26.64 -11.10 12.30
CA PRO D 173 -27.78 -11.08 11.39
C PRO D 173 -28.98 -11.82 11.96
N ALA D 174 -30.14 -11.17 12.03
CA ALA D 174 -31.43 -11.83 11.87
C ALA D 174 -32.34 -10.79 11.23
N THR D 175 -33.07 -11.15 10.19
CA THR D 175 -33.96 -10.18 9.58
C THR D 175 -35.42 -10.58 9.71
N MET D 176 -36.15 -9.85 10.56
CA MET D 176 -37.56 -10.11 10.73
C MET D 176 -38.33 -9.58 9.52
N PRO D 177 -39.54 -10.10 9.29
CA PRO D 177 -40.33 -9.87 8.08
C PRO D 177 -40.71 -8.40 7.90
N ASP D 178 -40.68 -7.64 8.98
CA ASP D 178 -41.08 -6.24 8.92
C ASP D 178 -39.89 -5.33 8.62
N ALA D 179 -38.69 -5.88 8.64
CA ALA D 179 -37.50 -5.09 8.39
C ALA D 179 -37.60 -4.45 7.01
N ASN D 180 -37.27 -3.18 6.93
CA ASN D 180 -37.42 -2.44 5.69
C ASN D 180 -36.11 -1.78 5.25
N PRO D 181 -35.83 -1.82 3.93
CA PRO D 181 -34.62 -1.27 3.31
C PRO D 181 -34.35 0.18 3.69
N GLN D 182 -35.39 0.99 3.75
CA GLN D 182 -35.25 2.38 4.16
C GLN D 182 -34.77 2.48 5.60
N ASP D 183 -35.21 1.56 6.45
CA ASP D 183 -34.79 1.56 7.85
C ASP D 183 -33.29 1.31 7.98
N ASP D 184 -32.74 0.53 7.06
CA ASP D 184 -31.31 0.26 7.08
C ASP D 184 -30.51 1.55 6.91
N ILE D 185 -31.04 2.46 6.09
CA ILE D 185 -30.36 3.73 5.84
C ILE D 185 -30.29 4.56 7.13
N ARG D 186 -31.40 4.63 7.86
CA ARG D 186 -31.42 5.33 9.14
C ARG D 186 -30.45 4.68 10.13
N GLY D 187 -30.45 3.34 10.15
CA GLY D 187 -29.58 2.60 11.04
C GLY D 187 -28.11 2.83 10.75
N ILE D 188 -27.78 2.91 9.46
CA ILE D 188 -26.40 3.16 9.04
C ILE D 188 -25.99 4.59 9.38
N GLY D 189 -26.90 5.54 9.15
CA GLY D 189 -26.66 6.92 9.51
C GLY D 189 -26.47 7.08 11.00
N ALA D 190 -27.27 6.32 11.76
CA ALA D 190 -27.20 6.36 13.22
C ALA D 190 -25.87 5.83 13.74
N SER D 191 -25.36 4.78 13.08
CA SER D 191 -24.09 4.18 13.47
C SER D 191 -22.95 5.15 13.19
N LEU D 192 -23.06 5.88 12.09
CA LEU D 192 -22.08 6.92 11.76
C LEU D 192 -22.18 8.02 12.80
N TYR D 193 -23.40 8.41 13.11
CA TYR D 193 -23.67 9.39 14.15
C TYR D 193 -22.97 8.97 15.44
N ALA D 194 -23.17 7.72 15.82
CA ALA D 194 -22.57 7.17 17.04
C ALA D 194 -21.04 7.31 17.05
N LEU D 195 -20.41 7.04 15.91
CA LEU D 195 -18.95 7.10 15.84
C LEU D 195 -18.44 8.53 15.93
N LEU D 196 -19.17 9.47 15.35
CA LEU D 196 -18.76 10.88 15.40
C LEU D 196 -18.94 11.53 16.78
N VAL D 197 -20.16 11.54 17.28
CA VAL D 197 -20.48 12.18 18.57
C VAL D 197 -20.63 11.27 19.81
N ASN D 198 -20.54 9.96 19.63
CA ASN D 198 -20.72 9.02 20.73
C ASN D 198 -22.12 9.04 21.37
N ARG D 199 -23.14 9.18 20.53
CA ARG D 199 -24.53 9.17 20.96
C ARG D 199 -25.37 8.41 19.93
N TRP D 200 -26.50 7.88 20.34
CA TRP D 200 -27.38 7.18 19.41
C TRP D 200 -28.64 8.02 19.15
N PRO D 201 -28.78 8.51 17.91
CA PRO D 201 -29.81 9.43 17.39
C PRO D 201 -31.21 8.83 17.31
N LEU D 202 -31.35 7.52 17.44
CA LEU D 202 -32.65 6.88 17.22
C LEU D 202 -33.20 6.34 18.53
N PRO D 203 -34.53 6.23 18.63
CA PRO D 203 -35.16 5.66 19.82
C PRO D 203 -34.65 4.24 20.03
N GLU D 204 -34.23 3.93 21.25
CA GLU D 204 -33.66 2.62 21.53
C GLU D 204 -34.52 1.80 22.49
N ALA D 205 -34.86 0.59 22.08
CA ALA D 205 -35.58 -0.35 22.93
C ALA D 205 -34.65 -1.45 23.44
N GLY D 206 -35.20 -2.39 24.20
CA GLY D 206 -34.46 -3.54 24.69
C GLY D 206 -33.34 -3.19 25.65
N VAL D 207 -32.39 -4.11 25.79
CA VAL D 207 -31.21 -3.88 26.61
C VAL D 207 -30.54 -2.59 26.13
N ARG D 208 -30.24 -1.70 27.06
CA ARG D 208 -29.56 -0.46 26.69
C ARG D 208 -28.21 -0.81 26.07
N SER D 209 -27.80 -0.03 25.07
CA SER D 209 -26.56 -0.31 24.36
C SER D 209 -25.35 0.28 25.07
N GLY D 210 -25.60 1.19 26.01
CA GLY D 210 -24.52 1.94 26.63
C GLY D 210 -24.29 3.25 25.90
N LEU D 211 -24.91 3.40 24.74
CA LEU D 211 -24.89 4.65 24.00
C LEU D 211 -26.03 5.56 24.48
N ALA D 212 -25.67 6.74 24.98
CA ALA D 212 -26.66 7.68 25.45
C ALA D 212 -27.44 8.27 24.28
N PRO D 213 -28.71 8.63 24.52
CA PRO D 213 -29.54 9.30 23.51
C PRO D 213 -28.86 10.56 22.99
N ALA D 214 -29.05 10.85 21.71
CA ALA D 214 -28.48 12.04 21.10
C ALA D 214 -29.07 13.30 21.70
N GLU D 215 -28.31 14.38 21.68
CA GLU D 215 -28.84 15.69 22.02
C GLU D 215 -29.89 16.05 20.97
N ARG D 216 -31.00 16.64 21.41
CA ARG D 216 -32.09 16.95 20.51
C ARG D 216 -32.30 18.46 20.38
N ASP D 217 -32.86 18.88 19.25
CA ASP D 217 -33.25 20.27 19.05
C ASP D 217 -34.72 20.49 19.44
N THR D 218 -35.22 21.68 19.11
CA THR D 218 -36.59 22.07 19.46
C THR D 218 -37.68 21.18 18.86
N ALA D 219 -37.57 20.86 17.58
CA ALA D 219 -38.50 19.94 16.93
C ALA D 219 -38.34 18.52 17.46
N GLY D 220 -37.31 18.31 18.27
CA GLY D 220 -37.00 16.98 18.78
C GLY D 220 -36.17 16.23 17.77
N GLN D 221 -35.53 16.97 16.87
CA GLN D 221 -34.65 16.40 15.86
C GLN D 221 -33.25 16.22 16.42
N PRO D 222 -32.55 15.16 15.99
CA PRO D 222 -31.17 14.99 16.49
C PRO D 222 -30.31 16.17 16.06
N ILE D 223 -29.60 16.77 17.00
CA ILE D 223 -28.63 17.81 16.67
C ILE D 223 -27.56 17.23 15.75
N GLU D 224 -27.21 17.97 14.71
CA GLU D 224 -26.22 17.46 13.76
C GLU D 224 -24.83 17.35 14.37
N PRO D 225 -24.06 16.34 13.95
CA PRO D 225 -22.72 16.07 14.50
C PRO D 225 -21.81 17.29 14.46
N ALA D 226 -21.87 18.07 13.38
CA ALA D 226 -21.01 19.24 13.23
C ALA D 226 -21.49 20.43 14.06
N ASP D 227 -22.72 20.34 14.57
CA ASP D 227 -23.22 21.33 15.52
C ASP D 227 -22.60 21.04 16.87
N ILE D 228 -22.55 19.77 17.23
CA ILE D 228 -21.95 19.33 18.49
C ILE D 228 -20.44 19.52 18.48
N ASP D 229 -19.81 19.19 17.36
CA ASP D 229 -18.36 19.33 17.22
C ASP D 229 -17.99 19.95 15.88
N ARG D 230 -17.25 21.05 15.92
CA ARG D 230 -16.94 21.83 14.71
C ARG D 230 -15.86 21.19 13.85
N ASP D 231 -14.99 20.39 14.47
CA ASP D 231 -13.90 19.75 13.75
C ASP D 231 -14.39 18.69 12.75
N ILE D 232 -15.68 18.36 12.83
CA ILE D 232 -16.25 17.36 11.93
C ILE D 232 -16.62 18.00 10.59
N PRO D 233 -15.95 17.57 9.52
CA PRO D 233 -16.20 18.10 8.17
C PRO D 233 -17.70 18.05 7.84
N PHE D 234 -18.21 19.10 7.21
CA PHE D 234 -19.64 19.21 6.99
C PHE D 234 -20.20 18.12 6.09
N GLN D 235 -19.45 17.75 5.06
CA GLN D 235 -19.90 16.68 4.17
C GLN D 235 -20.11 15.40 4.98
N ILE D 236 -19.17 15.09 5.86
CA ILE D 236 -19.28 13.91 6.70
C ILE D 236 -20.47 14.04 7.65
N SER D 237 -20.52 15.15 8.40
CA SER D 237 -21.60 15.40 9.33
C SER D 237 -22.96 15.29 8.64
N ALA D 238 -23.04 15.80 7.41
CA ALA D 238 -24.28 15.84 6.67
C ALA D 238 -24.73 14.46 6.22
N VAL D 239 -23.77 13.58 5.96
CA VAL D 239 -24.09 12.21 5.58
C VAL D 239 -24.94 11.55 6.67
N ALA D 240 -24.51 11.70 7.91
CA ALA D 240 -25.20 11.13 9.06
C ALA D 240 -26.55 11.82 9.34
N ALA D 241 -26.54 13.15 9.37
CA ALA D 241 -27.75 13.90 9.66
C ALA D 241 -28.86 13.59 8.67
N ARG D 242 -28.51 13.54 7.39
CA ARG D 242 -29.48 13.31 6.33
C ARG D 242 -29.95 11.86 6.26
N SER D 243 -29.12 10.94 6.74
CA SER D 243 -29.48 9.53 6.75
C SER D 243 -30.48 9.21 7.86
N VAL D 244 -30.26 9.79 9.04
CA VAL D 244 -31.10 9.47 10.19
C VAL D 244 -32.47 10.16 10.14
N GLN D 245 -32.52 11.35 9.54
CA GLN D 245 -33.80 12.03 9.41
C GLN D 245 -34.70 11.23 8.46
N GLY D 246 -35.90 10.92 8.92
CA GLY D 246 -36.88 10.22 8.10
C GLY D 246 -37.67 11.22 7.28
N ASP D 247 -37.55 12.49 7.65
CA ASP D 247 -38.27 13.57 6.99
C ASP D 247 -38.00 13.64 5.49
N GLY D 248 -36.90 13.02 5.05
CA GLY D 248 -36.56 12.99 3.64
C GLY D 248 -35.09 12.73 3.41
N GLY D 249 -34.62 13.03 2.21
CA GLY D 249 -33.23 12.78 1.86
C GLY D 249 -32.98 11.37 1.36
N ILE D 250 -31.81 10.81 1.69
CA ILE D 250 -31.30 9.64 0.99
C ILE D 250 -32.28 8.46 1.05
N ARG D 251 -32.71 8.01 -0.11
CA ARG D 251 -33.62 6.86 -0.23
C ARG D 251 -33.02 5.51 -0.65
N SER D 252 -31.72 5.48 -0.93
CA SER D 252 -31.11 4.24 -1.42
C SER D 252 -29.72 4.01 -0.82
N ALA D 253 -29.36 2.73 -0.66
CA ALA D 253 -28.07 2.38 -0.11
C ALA D 253 -26.93 2.78 -1.05
N SER D 254 -27.20 2.72 -2.35
CA SER D 254 -26.22 3.13 -3.35
C SER D 254 -25.97 4.64 -3.27
N THR D 255 -27.03 5.41 -3.08
CA THR D 255 -26.92 6.85 -2.93
C THR D 255 -26.13 7.19 -1.68
N LEU D 256 -26.50 6.55 -0.57
CA LEU D 256 -25.78 6.70 0.68
C LEU D 256 -24.31 6.36 0.49
N LEU D 257 -24.06 5.24 -0.18
CA LEU D 257 -22.71 4.77 -0.46
C LEU D 257 -21.93 5.83 -1.23
N ASN D 258 -22.52 6.31 -2.32
CA ASN D 258 -21.91 7.38 -3.11
C ASN D 258 -21.57 8.58 -2.25
N LEU D 259 -22.55 9.09 -1.52
CA LEU D 259 -22.33 10.22 -0.64
C LEU D 259 -21.19 9.99 0.34
N MET D 260 -21.15 8.80 0.95
CA MET D 260 -20.05 8.45 1.86
C MET D 260 -18.70 8.54 1.16
N GLN D 261 -18.63 7.96 -0.04
CA GLN D 261 -17.40 7.96 -0.82
C GLN D 261 -17.00 9.38 -1.21
N GLN D 262 -17.94 10.13 -1.78
CA GLN D 262 -17.67 11.52 -2.14
C GLN D 262 -17.18 12.29 -0.93
N ALA D 263 -17.82 12.04 0.21
CA ALA D 263 -17.50 12.73 1.45
C ALA D 263 -16.10 12.36 1.90
N THR D 264 -15.74 11.09 1.75
CA THR D 264 -14.43 10.61 2.15
C THR D 264 -13.34 11.22 1.27
N ALA D 265 -13.60 11.30 -0.03
CA ALA D 265 -12.64 11.81 -0.99
C ALA D 265 -12.44 13.31 -0.84
N VAL D 266 -13.55 14.04 -0.70
CA VAL D 266 -13.53 15.49 -0.58
C VAL D 266 -12.84 15.95 0.70
N ALA D 267 -13.01 15.18 1.77
CA ALA D 267 -12.43 15.54 3.07
C ALA D 267 -10.92 15.38 3.09
C1 SIN E . 38.72 21.71 19.11
O1 SIN E . 38.56 21.13 18.01
O2 SIN E . 38.06 22.75 19.32
C2 SIN E . 39.68 21.20 20.17
C3 SIN E . 40.62 20.19 19.53
C4 SIN E . 41.11 19.18 20.54
O3 SIN E . 41.32 19.52 21.73
O4 SIN E . 41.30 17.98 20.21
#